data_1SA9
# 
_entry.id   1SA9 
# 
_audit_conform.dict_name       mmcif_pdbx.dic 
_audit_conform.dict_version    5.388 
_audit_conform.dict_location   http://mmcif.pdb.org/dictionaries/ascii/mmcif_pdbx.dic 
# 
loop_
_database_2.database_id 
_database_2.database_code 
_database_2.pdbx_database_accession 
_database_2.pdbx_DOI 
PDB   1SA9         pdb_00001sa9 10.2210/pdb1sa9/pdb 
NDB   AR0048       ?            ?                   
RCSB  RCSB021562   ?            ?                   
WWPDB D_1000021562 ?            ?                   
# 
loop_
_pdbx_audit_revision_history.ordinal 
_pdbx_audit_revision_history.data_content_type 
_pdbx_audit_revision_history.major_revision 
_pdbx_audit_revision_history.minor_revision 
_pdbx_audit_revision_history.revision_date 
1 'Structure model' 1 0 2004-05-18 
2 'Structure model' 1 1 2008-04-29 
3 'Structure model' 1 2 2011-07-13 
4 'Structure model' 1 3 2024-03-13 
# 
_pdbx_audit_revision_details.ordinal             1 
_pdbx_audit_revision_details.revision_ordinal    1 
_pdbx_audit_revision_details.data_content_type   'Structure model' 
_pdbx_audit_revision_details.provider            repository 
_pdbx_audit_revision_details.type                'Initial release' 
_pdbx_audit_revision_details.description         ? 
_pdbx_audit_revision_details.details             ? 
# 
loop_
_pdbx_audit_revision_group.ordinal 
_pdbx_audit_revision_group.revision_ordinal 
_pdbx_audit_revision_group.data_content_type 
_pdbx_audit_revision_group.group 
1 2 'Structure model' 'Version format compliance' 
2 3 'Structure model' 'Version format compliance' 
3 4 'Structure model' 'Data collection'           
4 4 'Structure model' 'Database references'       
# 
loop_
_pdbx_audit_revision_category.ordinal 
_pdbx_audit_revision_category.revision_ordinal 
_pdbx_audit_revision_category.data_content_type 
_pdbx_audit_revision_category.category 
1 4 'Structure model' chem_comp_atom 
2 4 'Structure model' chem_comp_bond 
3 4 'Structure model' database_2     
# 
loop_
_pdbx_audit_revision_item.ordinal 
_pdbx_audit_revision_item.revision_ordinal 
_pdbx_audit_revision_item.data_content_type 
_pdbx_audit_revision_item.item 
1 4 'Structure model' '_database_2.pdbx_DOI'                
2 4 'Structure model' '_database_2.pdbx_database_accession' 
# 
_pdbx_database_status.status_code                     REL 
_pdbx_database_status.entry_id                        1SA9 
_pdbx_database_status.recvd_initial_deposition_date   2004-02-09 
_pdbx_database_status.deposit_site                    RCSB 
_pdbx_database_status.process_site                    PDBJ 
_pdbx_database_status.status_code_sf                  REL 
_pdbx_database_status.SG_entry                        . 
_pdbx_database_status.pdb_format_compatible           Y 
_pdbx_database_status.status_code_mr                  ? 
_pdbx_database_status.status_code_cs                  ? 
_pdbx_database_status.status_code_nmr_data            ? 
_pdbx_database_status.methods_development_category    ? 
# 
loop_
_pdbx_database_related.db_name 
_pdbx_database_related.db_id 
_pdbx_database_related.details 
_pdbx_database_related.content_type 
NDB AR0001 'crystal structure of the RNA octamer CGCCAGCG' unspecified 
PDB 1SAQ   'RNA octamer GICGAGCC'                          unspecified 
# 
loop_
_audit_author.name 
_audit_author.pdbx_ordinal 
'Jang, S.B.'        1 
'Baeyens, K.'       2 
'Jeong, M.S.'       3 
'SantaLucia Jr, J.' 4 
'Turner, D.'        5 
'Holbrook, S.R.'    6 
# 
_citation.id                        primary 
_citation.title                     'Structures of two RNA octamers containing tandem G.A base pairs.' 
_citation.journal_abbrev            'Acta Crystallogr.,Sect.D' 
_citation.journal_volume            60 
_citation.page_first                829 
_citation.page_last                 835 
_citation.year                      2004 
_citation.journal_id_ASTM           ABCRE6 
_citation.country                   DK 
_citation.journal_id_ISSN           0907-4449 
_citation.journal_id_CSD            0766 
_citation.book_publisher            ? 
_citation.pdbx_database_id_PubMed   15103128 
_citation.pdbx_database_id_DOI      10.1107/S0907444904003804 
# 
loop_
_citation_author.citation_id 
_citation_author.name 
_citation_author.ordinal 
_citation_author.identifier_ORCID 
primary 'Jang, S.B.'     1 ? 
primary 'Baeyens, K.'    2 ? 
primary 'Jeong, M.S.'    3 ? 
primary 'SantaLucia, J.' 4 ? 
primary 'Turner, D.'     5 ? 
primary 'Holbrook, S.R.' 6 ? 
# 
loop_
_entity.id 
_entity.type 
_entity.src_method 
_entity.pdbx_description 
_entity.formula_weight 
_entity.pdbx_number_of_molecules 
_entity.pdbx_ec 
_entity.pdbx_mutation 
_entity.pdbx_fragment 
_entity.details 
1 polymer syn "5'-R(*GP*GP*CP*GP*AP*GP*CP*C)-3'" 2580.617 5  ? ? ? 'RNA double helix' 
2 water   nat water                              18.015   20 ? ? ? ?                  
# 
_entity_poly.entity_id                      1 
_entity_poly.type                           polyribonucleotide 
_entity_poly.nstd_linkage                   no 
_entity_poly.nstd_monomer                   no 
_entity_poly.pdbx_seq_one_letter_code       GGCGAGCC 
_entity_poly.pdbx_seq_one_letter_code_can   GGCGAGCC 
_entity_poly.pdbx_strand_id                 A,B,C,D,E 
_entity_poly.pdbx_target_identifier         ? 
# 
_pdbx_entity_nonpoly.entity_id   2 
_pdbx_entity_nonpoly.name        water 
_pdbx_entity_nonpoly.comp_id     HOH 
# 
loop_
_entity_poly_seq.entity_id 
_entity_poly_seq.num 
_entity_poly_seq.mon_id 
_entity_poly_seq.hetero 
1 1 G n 
1 2 G n 
1 3 C n 
1 4 G n 
1 5 A n 
1 6 G n 
1 7 C n 
1 8 C n 
# 
loop_
_chem_comp.id 
_chem_comp.type 
_chem_comp.mon_nstd_flag 
_chem_comp.name 
_chem_comp.pdbx_synonyms 
_chem_comp.formula 
_chem_comp.formula_weight 
A   'RNA linking' y "ADENOSINE-5'-MONOPHOSPHATE" ? 'C10 H14 N5 O7 P' 347.221 
C   'RNA linking' y "CYTIDINE-5'-MONOPHOSPHATE"  ? 'C9 H14 N3 O8 P'  323.197 
G   'RNA linking' y "GUANOSINE-5'-MONOPHOSPHATE" ? 'C10 H14 N5 O8 P' 363.221 
HOH non-polymer   . WATER                        ? 'H2 O'            18.015  
# 
loop_
_pdbx_poly_seq_scheme.asym_id 
_pdbx_poly_seq_scheme.entity_id 
_pdbx_poly_seq_scheme.seq_id 
_pdbx_poly_seq_scheme.mon_id 
_pdbx_poly_seq_scheme.ndb_seq_num 
_pdbx_poly_seq_scheme.pdb_seq_num 
_pdbx_poly_seq_scheme.auth_seq_num 
_pdbx_poly_seq_scheme.pdb_mon_id 
_pdbx_poly_seq_scheme.auth_mon_id 
_pdbx_poly_seq_scheme.pdb_strand_id 
_pdbx_poly_seq_scheme.pdb_ins_code 
_pdbx_poly_seq_scheme.hetero 
A 1 1 G 1 101 101 G GUA A . n 
A 1 2 G 2 102 102 G GUA A . n 
A 1 3 C 3 103 103 C CYT A . n 
A 1 4 G 4 104 104 G GUA A . n 
A 1 5 A 5 105 105 A ADE A . n 
A 1 6 G 6 106 106 G GUA A . n 
A 1 7 C 7 107 107 C CYT A . n 
A 1 8 C 8 108 108 C CYT A . n 
B 1 1 G 1 109 109 G GUA B . n 
B 1 2 G 2 110 110 G GUA B . n 
B 1 3 C 3 111 111 C CYT B . n 
B 1 4 G 4 112 112 G GUA B . n 
B 1 5 A 5 113 113 A ADE B . n 
B 1 6 G 6 114 114 G GUA B . n 
B 1 7 C 7 115 115 C CYT B . n 
B 1 8 C 8 116 116 C CYT B . n 
C 1 1 G 1 201 201 G GUA C . n 
C 1 2 G 2 202 202 G GUA C . n 
C 1 3 C 3 203 203 C CYT C . n 
C 1 4 G 4 204 204 G GUA C . n 
C 1 5 A 5 205 205 A ADE C . n 
C 1 6 G 6 206 206 G GUA C . n 
C 1 7 C 7 207 207 C CYT C . n 
C 1 8 C 8 208 208 C CYT C . n 
D 1 1 G 1 209 209 G GUA D . n 
D 1 2 G 2 210 210 G GUA D . n 
D 1 3 C 3 211 211 C CYT D . n 
D 1 4 G 4 212 212 G GUA D . n 
D 1 5 A 5 213 213 A ADE D . n 
D 1 6 G 6 214 214 G GUA D . n 
D 1 7 C 7 215 215 C CYT D . n 
D 1 8 C 8 216 216 C CYT D . n 
E 1 1 G 1 301 301 G GUA E . n 
E 1 2 G 2 302 302 G GUA E . n 
E 1 3 C 3 303 303 C CYT E . n 
E 1 4 G 4 304 304 G GUA E . n 
E 1 5 A 5 305 305 A ADE E . n 
E 1 6 G 6 306 306 G GUA E . n 
E 1 7 C 7 307 307 C CYT E . n 
E 1 8 C 8 308 308 C CYT E . n 
# 
loop_
_pdbx_nonpoly_scheme.asym_id 
_pdbx_nonpoly_scheme.entity_id 
_pdbx_nonpoly_scheme.mon_id 
_pdbx_nonpoly_scheme.ndb_seq_num 
_pdbx_nonpoly_scheme.pdb_seq_num 
_pdbx_nonpoly_scheme.auth_seq_num 
_pdbx_nonpoly_scheme.pdb_mon_id 
_pdbx_nonpoly_scheme.auth_mon_id 
_pdbx_nonpoly_scheme.pdb_strand_id 
_pdbx_nonpoly_scheme.pdb_ins_code 
F 2 HOH 1 402 402 HOH TIP A . 
G 2 HOH 1 401 401 HOH TIP B . 
G 2 HOH 2 413 413 HOH TIP B . 
H 2 HOH 1 404 404 HOH TIP C . 
H 2 HOH 2 405 405 HOH TIP C . 
H 2 HOH 3 414 414 HOH TIP C . 
H 2 HOH 4 415 415 HOH TIP C . 
I 2 HOH 1 403 403 HOH TIP D . 
I 2 HOH 2 406 406 HOH TIP D . 
I 2 HOH 3 416 416 HOH TIP D . 
I 2 HOH 4 417 417 HOH TIP D . 
I 2 HOH 5 418 418 HOH TIP D . 
J 2 HOH 1 407 407 HOH TIP E . 
J 2 HOH 2 408 408 HOH TIP E . 
J 2 HOH 3 409 409 HOH TIP E . 
J 2 HOH 4 410 410 HOH TIP E . 
J 2 HOH 5 411 411 HOH TIP E . 
J 2 HOH 6 412 412 HOH TIP E . 
J 2 HOH 7 419 419 HOH TIP E . 
J 2 HOH 8 420 420 HOH TIP E . 
# 
loop_
_software.name 
_software.classification 
_software.version 
_software.citation_id 
_software.pdbx_ordinal 
DENZO     'data reduction' . ? 1 
SCALEPACK 'data scaling'   . ? 2 
EPMR      phasing          . ? 3 
CNS       refinement       . ? 4 
# 
_cell.entry_id           1SA9 
_cell.length_a           69.65 
_cell.length_b           69.65 
_cell.length_c           68.36 
_cell.angle_alpha        90 
_cell.angle_beta         90 
_cell.angle_gamma        120 
_cell.pdbx_unique_axis   ? 
_cell.Z_PDB              30 
# 
_symmetry.entry_id                         1SA9 
_symmetry.space_group_name_H-M             'P 64' 
_symmetry.pdbx_full_space_group_name_H-M   ? 
_symmetry.Int_Tables_number                172 
_symmetry.cell_setting                     ? 
# 
_exptl.entry_id          1SA9 
_exptl.method            'X-RAY DIFFRACTION' 
_exptl.crystals_number   1 
# 
_exptl_crystal.id                    1 
_exptl_crystal.density_meas          ? 
_exptl_crystal.density_Matthews      3.91 
_exptl_crystal.density_percent_sol   68.27 
_exptl_crystal.description           ? 
# 
_exptl_crystal_grow.crystal_id      1 
_exptl_crystal_grow.method          'VAPOR DIFFUSION, HANGING DROP' 
_exptl_crystal_grow.temp            293 
_exptl_crystal_grow.temp_details    ? 
_exptl_crystal_grow.pH              6.5 
_exptl_crystal_grow.pdbx_details    
'sodium cacodylate, PEG8000, Zn(acetate)2, pH 6.5, VAPOR DIFFUSION, HANGING DROP, temperature 293K' 
_exptl_crystal_grow.pdbx_pH_range   . 
# 
loop_
_exptl_crystal_grow_comp.crystal_id 
_exptl_crystal_grow_comp.id 
_exptl_crystal_grow_comp.sol_id 
_exptl_crystal_grow_comp.name 
_exptl_crystal_grow_comp.volume 
_exptl_crystal_grow_comp.conc 
_exptl_crystal_grow_comp.details 
1 1 1 'sodium cacodylate' ? ? ? 
1 2 1 PEG8000             ? ? ? 
1 3 1 'Zn(acetate)2'      ? ? ? 
1 4 2 'sodium cacodylate' ? ? ? 
1 5 2 PEG8000             ? ? ? 
1 6 2 'Zn(acetate)2'      ? ? ? 
# 
_diffrn.id                     1 
_diffrn.ambient_temp           298 
_diffrn.ambient_temp_details   ? 
_diffrn.crystal_id             1 
# 
_diffrn_detector.diffrn_id              1 
_diffrn_detector.detector               'IMAGE PLATE' 
_diffrn_detector.type                   'RIGAKU RAXIS II' 
_diffrn_detector.pdbx_collection_date   1995-04-03 
_diffrn_detector.details                ? 
# 
_diffrn_radiation.diffrn_id                        1 
_diffrn_radiation.wavelength_id                    1 
_diffrn_radiation.pdbx_monochromatic_or_laue_m_l   M 
_diffrn_radiation.monochromator                    ? 
_diffrn_radiation.pdbx_diffrn_protocol             'SINGLE WAVELENGTH' 
_diffrn_radiation.pdbx_scattering_type             x-ray 
# 
_diffrn_radiation_wavelength.id           1 
_diffrn_radiation_wavelength.wavelength   1.5418 
_diffrn_radiation_wavelength.wt           1.0 
# 
_diffrn_source.diffrn_id                   1 
_diffrn_source.source                      'ROTATING ANODE' 
_diffrn_source.type                        RIGAKU 
_diffrn_source.pdbx_synchrotron_site       ? 
_diffrn_source.pdbx_synchrotron_beamline   ? 
_diffrn_source.pdbx_wavelength             ? 
_diffrn_source.pdbx_wavelength_list        1.5418 
# 
_reflns.entry_id                     1SA9 
_reflns.observed_criterion_sigma_F   ? 
_reflns.observed_criterion_sigma_I   ? 
_reflns.d_resolution_high            2.8 
_reflns.d_resolution_low             60.32 
_reflns.number_all                   ? 
_reflns.number_obs                   ? 
_reflns.percent_possible_obs         ? 
_reflns.pdbx_Rmerge_I_obs            ? 
_reflns.pdbx_Rsym_value              ? 
_reflns.pdbx_netI_over_sigmaI        ? 
_reflns.B_iso_Wilson_estimate        ? 
_reflns.pdbx_redundancy              ? 
_reflns.R_free_details               ? 
_reflns.pdbx_diffrn_id               1 
_reflns.pdbx_ordinal                 1 
# 
_reflns_shell.d_res_high             2.8 
_reflns_shell.d_res_low              2.9 
_reflns_shell.percent_possible_all   ? 
_reflns_shell.Rmerge_I_obs           ? 
_reflns_shell.pdbx_Rsym_value        ? 
_reflns_shell.meanI_over_sigI_obs    ? 
_reflns_shell.pdbx_redundancy        ? 
_reflns_shell.percent_possible_obs   ? 
_reflns_shell.number_unique_all      ? 
_reflns_shell.pdbx_diffrn_id         ? 
_reflns_shell.pdbx_ordinal           1 
# 
_refine.entry_id                                 1SA9 
_refine.ls_d_res_high                            2.86 
_refine.ls_d_res_low                             60.32 
_refine.pdbx_ls_sigma_F                          2.5 
_refine.pdbx_ls_sigma_I                          ? 
_refine.ls_number_reflns_all                     4495 
_refine.ls_number_reflns_obs                     3273 
_refine.ls_number_reflns_R_free                  ? 
_refine.ls_percent_reflns_obs                    ? 
_refine.ls_R_factor_all                          ? 
_refine.ls_R_factor_obs                          ? 
_refine.ls_R_factor_R_work                       0.241 
_refine.ls_R_factor_R_free                       0.255 
_refine.ls_redundancy_reflns_obs                 ? 
_refine.pdbx_data_cutoff_high_absF               ? 
_refine.pdbx_data_cutoff_low_absF                ? 
_refine.ls_number_parameters                     ? 
_refine.ls_number_restraints                     ? 
_refine.ls_percent_reflns_R_free                 ? 
_refine.ls_R_factor_R_free_error                 ? 
_refine.ls_R_factor_R_free_error_details         ? 
_refine.pdbx_method_to_determine_struct          'MOLECULAR REPLACEMENT' 
_refine.pdbx_starting_model                      ? 
_refine.pdbx_ls_cross_valid_method               ? 
_refine.pdbx_R_Free_selection_details            RANDOM 
_refine.pdbx_stereochem_target_val_spec_case     ? 
_refine.pdbx_stereochemistry_target_values       'Engh & Huber' 
_refine.solvent_model_details                    ? 
_refine.solvent_model_param_bsol                 ? 
_refine.solvent_model_param_ksol                 ? 
_refine.occupancy_max                            ? 
_refine.occupancy_min                            ? 
_refine.pdbx_isotropic_thermal_model             ? 
_refine.B_iso_mean                               ? 
_refine.aniso_B[1][1]                            ? 
_refine.aniso_B[1][2]                            ? 
_refine.aniso_B[1][3]                            ? 
_refine.aniso_B[2][2]                            ? 
_refine.aniso_B[2][3]                            ? 
_refine.aniso_B[3][3]                            ? 
_refine.details                                  ? 
_refine.correlation_coeff_Fo_to_Fc               ? 
_refine.correlation_coeff_Fo_to_Fc_free          ? 
_refine.pdbx_solvent_vdw_probe_radii             ? 
_refine.pdbx_solvent_ion_probe_radii             ? 
_refine.pdbx_solvent_shrinkage_radii             ? 
_refine.overall_SU_R_Cruickshank_DPI             ? 
_refine.overall_SU_R_free                        ? 
_refine.overall_SU_B                             ? 
_refine.overall_SU_ML                            ? 
_refine.pdbx_overall_ESU_R                       ? 
_refine.pdbx_overall_ESU_R_Free                  ? 
_refine.pdbx_data_cutoff_high_rms_absF           ? 
_refine.pdbx_refine_id                           'X-RAY DIFFRACTION' 
_refine.pdbx_diffrn_id                           1 
_refine.pdbx_TLS_residual_ADP_flag               ? 
_refine.pdbx_overall_phase_error                 ? 
_refine.pdbx_overall_SU_R_free_Cruickshank_DPI   ? 
_refine.pdbx_overall_SU_R_Blow_DPI               ? 
_refine.pdbx_overall_SU_R_free_Blow_DPI          ? 
# 
_refine_hist.pdbx_refine_id                   'X-RAY DIFFRACTION' 
_refine_hist.cycle_id                         LAST 
_refine_hist.pdbx_number_atoms_protein        0 
_refine_hist.pdbx_number_atoms_nucleic_acid   855 
_refine_hist.pdbx_number_atoms_ligand         0 
_refine_hist.number_atoms_solvent             20 
_refine_hist.number_atoms_total               875 
_refine_hist.d_res_high                       2.86 
_refine_hist.d_res_low                        60.32 
# 
loop_
_refine_ls_restr.type 
_refine_ls_restr.dev_ideal 
_refine_ls_restr.dev_ideal_target 
_refine_ls_restr.weight 
_refine_ls_restr.number 
_refine_ls_restr.pdbx_refine_id 
_refine_ls_restr.pdbx_restraint_function 
c_bond_d    0.006 ? ? ? 'X-RAY DIFFRACTION' ? 
c_angle_deg 1.074 ? ? ? 'X-RAY DIFFRACTION' ? 
# 
_struct.entry_id                  1SA9 
_struct.title                     'Crystal Structure of the RNA octamer GGCGAGCC' 
_struct.pdbx_model_details        ? 
_struct.pdbx_CASP_flag            ? 
_struct.pdbx_model_type_details   ? 
# 
_struct_keywords.entry_id        1SA9 
_struct_keywords.pdbx_keywords   RNA 
_struct_keywords.text            'RNA double helix, RNA tandem G-A base pair, RNA' 
# 
loop_
_struct_asym.id 
_struct_asym.pdbx_blank_PDB_chainid_flag 
_struct_asym.pdbx_modified 
_struct_asym.entity_id 
_struct_asym.details 
A N N 1 ? 
B N N 1 ? 
C N N 1 ? 
D N N 1 ? 
E N N 1 ? 
F N N 2 ? 
G N N 2 ? 
H N N 2 ? 
I N N 2 ? 
J N N 2 ? 
# 
_struct_ref.id                         1 
_struct_ref.entity_id                  1 
_struct_ref.db_name                    PDB 
_struct_ref.db_code                    1SA9 
_struct_ref.pdbx_db_accession          1SA9 
_struct_ref.pdbx_db_isoform            ? 
_struct_ref.pdbx_seq_one_letter_code   ? 
_struct_ref.pdbx_align_begin           ? 
# 
loop_
_struct_ref_seq.align_id 
_struct_ref_seq.ref_id 
_struct_ref_seq.pdbx_PDB_id_code 
_struct_ref_seq.pdbx_strand_id 
_struct_ref_seq.seq_align_beg 
_struct_ref_seq.pdbx_seq_align_beg_ins_code 
_struct_ref_seq.seq_align_end 
_struct_ref_seq.pdbx_seq_align_end_ins_code 
_struct_ref_seq.pdbx_db_accession 
_struct_ref_seq.db_align_beg 
_struct_ref_seq.pdbx_db_align_beg_ins_code 
_struct_ref_seq.db_align_end 
_struct_ref_seq.pdbx_db_align_end_ins_code 
_struct_ref_seq.pdbx_auth_seq_align_beg 
_struct_ref_seq.pdbx_auth_seq_align_end 
1 1 1SA9 A 1 ? 8 ? 1SA9 101 ? 108 ? 101 108 
2 1 1SA9 B 1 ? 8 ? 1SA9 109 ? 116 ? 109 116 
3 1 1SA9 C 1 ? 8 ? 1SA9 201 ? 208 ? 201 208 
4 1 1SA9 D 1 ? 8 ? 1SA9 209 ? 216 ? 209 216 
5 1 1SA9 E 1 ? 8 ? 1SA9 301 ? 308 ? 301 308 
# 
loop_
_pdbx_struct_assembly.id 
_pdbx_struct_assembly.details 
_pdbx_struct_assembly.method_details 
_pdbx_struct_assembly.oligomeric_details 
_pdbx_struct_assembly.oligomeric_count 
1 author_defined_assembly ? dimeric 2 
2 author_defined_assembly ? dimeric 2 
3 author_defined_assembly ? dimeric 2 
# 
loop_
_pdbx_struct_assembly_gen.assembly_id 
_pdbx_struct_assembly_gen.oper_expression 
_pdbx_struct_assembly_gen.asym_id_list 
1 1   A,B,F,G 
2 1   C,D,H,I 
3 1,2 E,J     
# 
loop_
_pdbx_struct_oper_list.id 
_pdbx_struct_oper_list.type 
_pdbx_struct_oper_list.name 
_pdbx_struct_oper_list.symmetry_operation 
_pdbx_struct_oper_list.matrix[1][1] 
_pdbx_struct_oper_list.matrix[1][2] 
_pdbx_struct_oper_list.matrix[1][3] 
_pdbx_struct_oper_list.vector[1] 
_pdbx_struct_oper_list.matrix[2][1] 
_pdbx_struct_oper_list.matrix[2][2] 
_pdbx_struct_oper_list.matrix[2][3] 
_pdbx_struct_oper_list.vector[2] 
_pdbx_struct_oper_list.matrix[3][1] 
_pdbx_struct_oper_list.matrix[3][2] 
_pdbx_struct_oper_list.matrix[3][3] 
_pdbx_struct_oper_list.vector[3] 
1 'identity operation'         1_555 x,y,z       1.0000000000  0.0000000000 0.0000000000  0.0000000000   0.0000000000 1.0000000000  0.0000000000  0.0000000000  0.0000000000  0.0000000000  1.0000000000  0.0000000000 
2 'crystal symmetry operation' 4_675 -x+1,-y+2,z -0.1299894001 0.3630052843 -0.9226754139 -11.0148584913 0.3630052843 -0.8485388150 -0.3849792761 35.6493470849 -0.9226754139 -0.3849792761 -0.0214717850 3.6392621721 
# 
loop_
_struct_conn.id 
_struct_conn.conn_type_id 
_struct_conn.pdbx_leaving_atom_flag 
_struct_conn.pdbx_PDB_id 
_struct_conn.ptnr1_label_asym_id 
_struct_conn.ptnr1_label_comp_id 
_struct_conn.ptnr1_label_seq_id 
_struct_conn.ptnr1_label_atom_id 
_struct_conn.pdbx_ptnr1_label_alt_id 
_struct_conn.pdbx_ptnr1_PDB_ins_code 
_struct_conn.pdbx_ptnr1_standard_comp_id 
_struct_conn.ptnr1_symmetry 
_struct_conn.ptnr2_label_asym_id 
_struct_conn.ptnr2_label_comp_id 
_struct_conn.ptnr2_label_seq_id 
_struct_conn.ptnr2_label_atom_id 
_struct_conn.pdbx_ptnr2_label_alt_id 
_struct_conn.pdbx_ptnr2_PDB_ins_code 
_struct_conn.ptnr1_auth_asym_id 
_struct_conn.ptnr1_auth_comp_id 
_struct_conn.ptnr1_auth_seq_id 
_struct_conn.ptnr2_auth_asym_id 
_struct_conn.ptnr2_auth_comp_id 
_struct_conn.ptnr2_auth_seq_id 
_struct_conn.ptnr2_symmetry 
_struct_conn.pdbx_ptnr3_label_atom_id 
_struct_conn.pdbx_ptnr3_label_seq_id 
_struct_conn.pdbx_ptnr3_label_comp_id 
_struct_conn.pdbx_ptnr3_label_asym_id 
_struct_conn.pdbx_ptnr3_label_alt_id 
_struct_conn.pdbx_ptnr3_PDB_ins_code 
_struct_conn.details 
_struct_conn.pdbx_dist_value 
_struct_conn.pdbx_value_order 
_struct_conn.pdbx_role 
hydrog1  hydrog ? ? A G 1 N1 ? ? ? 1_555 B C 8 N3 ? ? A G 101 B C 116 1_555 ? ? ? ? ? ? WATSON-CRICK  ? ? ? 
hydrog2  hydrog ? ? A G 1 N2 ? ? ? 1_555 B C 8 O2 ? ? A G 101 B C 116 1_555 ? ? ? ? ? ? WATSON-CRICK  ? ? ? 
hydrog3  hydrog ? ? A G 1 O6 ? ? ? 1_555 B C 8 N4 ? ? A G 101 B C 116 1_555 ? ? ? ? ? ? WATSON-CRICK  ? ? ? 
hydrog4  hydrog ? ? A G 2 N1 ? ? ? 1_555 B C 7 O2 ? ? A G 102 B C 115 1_555 ? ? ? ? ? ? 'G-C PAIR'    ? ? ? 
hydrog5  hydrog ? ? A C 3 N3 ? ? ? 1_555 B G 6 N1 ? ? A C 103 B G 114 1_555 ? ? ? ? ? ? WATSON-CRICK  ? ? ? 
hydrog6  hydrog ? ? A C 3 N4 ? ? ? 1_555 B G 6 O6 ? ? A C 103 B G 114 1_555 ? ? ? ? ? ? WATSON-CRICK  ? ? ? 
hydrog7  hydrog ? ? A C 3 O2 ? ? ? 1_555 B G 6 N2 ? ? A C 103 B G 114 1_555 ? ? ? ? ? ? WATSON-CRICK  ? ? ? 
hydrog8  hydrog ? ? A G 4 N2 ? ? ? 1_555 B A 5 N7 ? ? A G 104 B A 113 1_555 ? ? ? ? ? ? TYPE_11_PAIR  ? ? ? 
hydrog9  hydrog ? ? A G 4 N3 ? ? ? 1_555 B A 5 N6 ? ? A G 104 B A 113 1_555 ? ? ? ? ? ? TYPE_11_PAIR  ? ? ? 
hydrog10 hydrog ? ? A A 5 N6 ? ? ? 1_555 B G 4 N3 ? ? A A 105 B G 112 1_555 ? ? ? ? ? ? TYPE_11_PAIR  ? ? ? 
hydrog11 hydrog ? ? A A 5 N7 ? ? ? 1_555 B G 4 N2 ? ? A A 105 B G 112 1_555 ? ? ? ? ? ? TYPE_11_PAIR  ? ? ? 
hydrog12 hydrog ? ? A G 6 N1 ? ? ? 1_555 B C 3 N3 ? ? A G 106 B C 111 1_555 ? ? ? ? ? ? WATSON-CRICK  ? ? ? 
hydrog13 hydrog ? ? A G 6 N2 ? ? ? 1_555 B C 3 O2 ? ? A G 106 B C 111 1_555 ? ? ? ? ? ? WATSON-CRICK  ? ? ? 
hydrog14 hydrog ? ? A G 6 O6 ? ? ? 1_555 B C 3 N4 ? ? A G 106 B C 111 1_555 ? ? ? ? ? ? WATSON-CRICK  ? ? ? 
hydrog15 hydrog ? ? A C 7 N3 ? ? ? 1_555 B G 2 N1 ? ? A C 107 B G 110 1_555 ? ? ? ? ? ? WATSON-CRICK  ? ? ? 
hydrog16 hydrog ? ? A C 7 N4 ? ? ? 1_555 B G 2 O6 ? ? A C 107 B G 110 1_555 ? ? ? ? ? ? WATSON-CRICK  ? ? ? 
hydrog17 hydrog ? ? A C 7 O2 ? ? ? 1_555 B G 2 N2 ? ? A C 107 B G 110 1_555 ? ? ? ? ? ? WATSON-CRICK  ? ? ? 
hydrog18 hydrog ? ? A C 8 N3 ? ? ? 1_555 B G 1 N1 ? ? A C 108 B G 109 1_555 ? ? ? ? ? ? WATSON-CRICK  ? ? ? 
hydrog19 hydrog ? ? A C 8 N4 ? ? ? 1_555 B G 1 O6 ? ? A C 108 B G 109 1_555 ? ? ? ? ? ? WATSON-CRICK  ? ? ? 
hydrog20 hydrog ? ? A C 8 O2 ? ? ? 1_555 B G 1 N2 ? ? A C 108 B G 109 1_555 ? ? ? ? ? ? WATSON-CRICK  ? ? ? 
hydrog21 hydrog ? ? C G 1 N1 ? ? ? 1_555 D C 8 N3 ? ? C G 201 D C 216 1_555 ? ? ? ? ? ? WATSON-CRICK  ? ? ? 
hydrog22 hydrog ? ? C G 1 N2 ? ? ? 1_555 D C 8 O2 ? ? C G 201 D C 216 1_555 ? ? ? ? ? ? WATSON-CRICK  ? ? ? 
hydrog23 hydrog ? ? C G 1 O6 ? ? ? 1_555 D C 8 N4 ? ? C G 201 D C 216 1_555 ? ? ? ? ? ? WATSON-CRICK  ? ? ? 
hydrog24 hydrog ? ? C G 2 N1 ? ? ? 1_555 D C 7 N3 ? ? C G 202 D C 215 1_555 ? ? ? ? ? ? WATSON-CRICK  ? ? ? 
hydrog25 hydrog ? ? C G 2 N2 ? ? ? 1_555 D C 7 O2 ? ? C G 202 D C 215 1_555 ? ? ? ? ? ? WATSON-CRICK  ? ? ? 
hydrog26 hydrog ? ? C G 2 O6 ? ? ? 1_555 D C 7 N4 ? ? C G 202 D C 215 1_555 ? ? ? ? ? ? WATSON-CRICK  ? ? ? 
hydrog27 hydrog ? ? C C 3 N3 ? ? ? 1_555 D G 6 N1 ? ? C C 203 D G 214 1_555 ? ? ? ? ? ? WATSON-CRICK  ? ? ? 
hydrog28 hydrog ? ? C C 3 N4 ? ? ? 1_555 D G 6 O6 ? ? C C 203 D G 214 1_555 ? ? ? ? ? ? WATSON-CRICK  ? ? ? 
hydrog29 hydrog ? ? C C 3 O2 ? ? ? 1_555 D G 6 N2 ? ? C C 203 D G 214 1_555 ? ? ? ? ? ? WATSON-CRICK  ? ? ? 
hydrog30 hydrog ? ? C G 4 N2 ? ? ? 1_555 D A 5 N7 ? ? C G 204 D A 213 1_555 ? ? ? ? ? ? TYPE_11_PAIR  ? ? ? 
hydrog31 hydrog ? ? C G 4 N3 ? ? ? 1_555 D A 5 N6 ? ? C G 204 D A 213 1_555 ? ? ? ? ? ? TYPE_11_PAIR  ? ? ? 
hydrog32 hydrog ? ? C A 5 N7 ? ? ? 1_555 D G 4 N2 ? ? C A 205 D G 212 1_555 ? ? ? ? ? ? 'A-G MISPAIR' ? ? ? 
hydrog33 hydrog ? ? C G 6 N1 ? ? ? 1_555 D C 3 N3 ? ? C G 206 D C 211 1_555 ? ? ? ? ? ? WATSON-CRICK  ? ? ? 
hydrog34 hydrog ? ? C G 6 N2 ? ? ? 1_555 D C 3 O2 ? ? C G 206 D C 211 1_555 ? ? ? ? ? ? WATSON-CRICK  ? ? ? 
hydrog35 hydrog ? ? C G 6 O6 ? ? ? 1_555 D C 3 N4 ? ? C G 206 D C 211 1_555 ? ? ? ? ? ? WATSON-CRICK  ? ? ? 
hydrog36 hydrog ? ? C C 7 N3 ? ? ? 1_555 D G 2 N1 ? ? C C 207 D G 210 1_555 ? ? ? ? ? ? WATSON-CRICK  ? ? ? 
hydrog37 hydrog ? ? C C 7 N4 ? ? ? 1_555 D G 2 O6 ? ? C C 207 D G 210 1_555 ? ? ? ? ? ? WATSON-CRICK  ? ? ? 
hydrog38 hydrog ? ? C C 7 O2 ? ? ? 1_555 D G 2 N2 ? ? C C 207 D G 210 1_555 ? ? ? ? ? ? WATSON-CRICK  ? ? ? 
hydrog39 hydrog ? ? C C 8 N3 ? ? ? 1_555 D G 1 N1 ? ? C C 208 D G 209 1_555 ? ? ? ? ? ? WATSON-CRICK  ? ? ? 
hydrog40 hydrog ? ? C C 8 N4 ? ? ? 1_555 D G 1 O6 ? ? C C 208 D G 209 1_555 ? ? ? ? ? ? WATSON-CRICK  ? ? ? 
hydrog41 hydrog ? ? C C 8 O2 ? ? ? 1_555 D G 1 N2 ? ? C C 208 D G 209 1_555 ? ? ? ? ? ? WATSON-CRICK  ? ? ? 
# 
_struct_conn_type.id          hydrog 
_struct_conn_type.criteria    ? 
_struct_conn_type.reference   ? 
# 
loop_
_pdbx_validate_close_contact.id 
_pdbx_validate_close_contact.PDB_model_num 
_pdbx_validate_close_contact.auth_atom_id_1 
_pdbx_validate_close_contact.auth_asym_id_1 
_pdbx_validate_close_contact.auth_comp_id_1 
_pdbx_validate_close_contact.auth_seq_id_1 
_pdbx_validate_close_contact.PDB_ins_code_1 
_pdbx_validate_close_contact.label_alt_id_1 
_pdbx_validate_close_contact.auth_atom_id_2 
_pdbx_validate_close_contact.auth_asym_id_2 
_pdbx_validate_close_contact.auth_comp_id_2 
_pdbx_validate_close_contact.auth_seq_id_2 
_pdbx_validate_close_contact.PDB_ins_code_2 
_pdbx_validate_close_contact.label_alt_id_2 
_pdbx_validate_close_contact.dist 
1 1 "O4'" E G 304 ? ? O E HOH 420 ? ? 1.80 
2 1 "O3'" A G 106 ? ? O A HOH 402 ? ? 1.94 
3 1 "O3'" B C 115 ? ? O B HOH 401 ? ? 1.98 
4 1 "O2'" B C 115 ? ? O B HOH 401 ? ? 2.00 
5 1 OP2   B C 116 ? ? O B HOH 413 ? ? 2.07 
6 1 "O5'" E G 304 ? ? O E HOH 420 ? ? 2.19 
# 
_pdbx_validate_symm_contact.id                1 
_pdbx_validate_symm_contact.PDB_model_num     1 
_pdbx_validate_symm_contact.auth_atom_id_1    O2 
_pdbx_validate_symm_contact.auth_asym_id_1    E 
_pdbx_validate_symm_contact.auth_comp_id_1    C 
_pdbx_validate_symm_contact.auth_seq_id_1     303 
_pdbx_validate_symm_contact.PDB_ins_code_1    ? 
_pdbx_validate_symm_contact.label_alt_id_1    ? 
_pdbx_validate_symm_contact.site_symmetry_1   1_555 
_pdbx_validate_symm_contact.auth_atom_id_2    N2 
_pdbx_validate_symm_contact.auth_asym_id_2    E 
_pdbx_validate_symm_contact.auth_comp_id_2    G 
_pdbx_validate_symm_contact.auth_seq_id_2     306 
_pdbx_validate_symm_contact.PDB_ins_code_2    ? 
_pdbx_validate_symm_contact.label_alt_id_2    ? 
_pdbx_validate_symm_contact.site_symmetry_2   4_675 
_pdbx_validate_symm_contact.dist              2.16 
# 
loop_
_chem_comp_atom.comp_id 
_chem_comp_atom.atom_id 
_chem_comp_atom.type_symbol 
_chem_comp_atom.pdbx_aromatic_flag 
_chem_comp_atom.pdbx_stereo_config 
_chem_comp_atom.pdbx_ordinal 
A   OP3    O N N 1   
A   P      P N N 2   
A   OP1    O N N 3   
A   OP2    O N N 4   
A   "O5'"  O N N 5   
A   "C5'"  C N N 6   
A   "C4'"  C N R 7   
A   "O4'"  O N N 8   
A   "C3'"  C N S 9   
A   "O3'"  O N N 10  
A   "C2'"  C N R 11  
A   "O2'"  O N N 12  
A   "C1'"  C N R 13  
A   N9     N Y N 14  
A   C8     C Y N 15  
A   N7     N Y N 16  
A   C5     C Y N 17  
A   C6     C Y N 18  
A   N6     N N N 19  
A   N1     N Y N 20  
A   C2     C Y N 21  
A   N3     N Y N 22  
A   C4     C Y N 23  
A   HOP3   H N N 24  
A   HOP2   H N N 25  
A   "H5'"  H N N 26  
A   "H5''" H N N 27  
A   "H4'"  H N N 28  
A   "H3'"  H N N 29  
A   "HO3'" H N N 30  
A   "H2'"  H N N 31  
A   "HO2'" H N N 32  
A   "H1'"  H N N 33  
A   H8     H N N 34  
A   H61    H N N 35  
A   H62    H N N 36  
A   H2     H N N 37  
C   OP3    O N N 38  
C   P      P N N 39  
C   OP1    O N N 40  
C   OP2    O N N 41  
C   "O5'"  O N N 42  
C   "C5'"  C N N 43  
C   "C4'"  C N R 44  
C   "O4'"  O N N 45  
C   "C3'"  C N S 46  
C   "O3'"  O N N 47  
C   "C2'"  C N R 48  
C   "O2'"  O N N 49  
C   "C1'"  C N R 50  
C   N1     N N N 51  
C   C2     C N N 52  
C   O2     O N N 53  
C   N3     N N N 54  
C   C4     C N N 55  
C   N4     N N N 56  
C   C5     C N N 57  
C   C6     C N N 58  
C   HOP3   H N N 59  
C   HOP2   H N N 60  
C   "H5'"  H N N 61  
C   "H5''" H N N 62  
C   "H4'"  H N N 63  
C   "H3'"  H N N 64  
C   "HO3'" H N N 65  
C   "H2'"  H N N 66  
C   "HO2'" H N N 67  
C   "H1'"  H N N 68  
C   H41    H N N 69  
C   H42    H N N 70  
C   H5     H N N 71  
C   H6     H N N 72  
G   OP3    O N N 73  
G   P      P N N 74  
G   OP1    O N N 75  
G   OP2    O N N 76  
G   "O5'"  O N N 77  
G   "C5'"  C N N 78  
G   "C4'"  C N R 79  
G   "O4'"  O N N 80  
G   "C3'"  C N S 81  
G   "O3'"  O N N 82  
G   "C2'"  C N R 83  
G   "O2'"  O N N 84  
G   "C1'"  C N R 85  
G   N9     N Y N 86  
G   C8     C Y N 87  
G   N7     N Y N 88  
G   C5     C Y N 89  
G   C6     C N N 90  
G   O6     O N N 91  
G   N1     N N N 92  
G   C2     C N N 93  
G   N2     N N N 94  
G   N3     N N N 95  
G   C4     C Y N 96  
G   HOP3   H N N 97  
G   HOP2   H N N 98  
G   "H5'"  H N N 99  
G   "H5''" H N N 100 
G   "H4'"  H N N 101 
G   "H3'"  H N N 102 
G   "HO3'" H N N 103 
G   "H2'"  H N N 104 
G   "HO2'" H N N 105 
G   "H1'"  H N N 106 
G   H8     H N N 107 
G   H1     H N N 108 
G   H21    H N N 109 
G   H22    H N N 110 
HOH O      O N N 111 
HOH H1     H N N 112 
HOH H2     H N N 113 
# 
loop_
_chem_comp_bond.comp_id 
_chem_comp_bond.atom_id_1 
_chem_comp_bond.atom_id_2 
_chem_comp_bond.value_order 
_chem_comp_bond.pdbx_aromatic_flag 
_chem_comp_bond.pdbx_stereo_config 
_chem_comp_bond.pdbx_ordinal 
A   OP3   P      sing N N 1   
A   OP3   HOP3   sing N N 2   
A   P     OP1    doub N N 3   
A   P     OP2    sing N N 4   
A   P     "O5'"  sing N N 5   
A   OP2   HOP2   sing N N 6   
A   "O5'" "C5'"  sing N N 7   
A   "C5'" "C4'"  sing N N 8   
A   "C5'" "H5'"  sing N N 9   
A   "C5'" "H5''" sing N N 10  
A   "C4'" "O4'"  sing N N 11  
A   "C4'" "C3'"  sing N N 12  
A   "C4'" "H4'"  sing N N 13  
A   "O4'" "C1'"  sing N N 14  
A   "C3'" "O3'"  sing N N 15  
A   "C3'" "C2'"  sing N N 16  
A   "C3'" "H3'"  sing N N 17  
A   "O3'" "HO3'" sing N N 18  
A   "C2'" "O2'"  sing N N 19  
A   "C2'" "C1'"  sing N N 20  
A   "C2'" "H2'"  sing N N 21  
A   "O2'" "HO2'" sing N N 22  
A   "C1'" N9     sing N N 23  
A   "C1'" "H1'"  sing N N 24  
A   N9    C8     sing Y N 25  
A   N9    C4     sing Y N 26  
A   C8    N7     doub Y N 27  
A   C8    H8     sing N N 28  
A   N7    C5     sing Y N 29  
A   C5    C6     sing Y N 30  
A   C5    C4     doub Y N 31  
A   C6    N6     sing N N 32  
A   C6    N1     doub Y N 33  
A   N6    H61    sing N N 34  
A   N6    H62    sing N N 35  
A   N1    C2     sing Y N 36  
A   C2    N3     doub Y N 37  
A   C2    H2     sing N N 38  
A   N3    C4     sing Y N 39  
C   OP3   P      sing N N 40  
C   OP3   HOP3   sing N N 41  
C   P     OP1    doub N N 42  
C   P     OP2    sing N N 43  
C   P     "O5'"  sing N N 44  
C   OP2   HOP2   sing N N 45  
C   "O5'" "C5'"  sing N N 46  
C   "C5'" "C4'"  sing N N 47  
C   "C5'" "H5'"  sing N N 48  
C   "C5'" "H5''" sing N N 49  
C   "C4'" "O4'"  sing N N 50  
C   "C4'" "C3'"  sing N N 51  
C   "C4'" "H4'"  sing N N 52  
C   "O4'" "C1'"  sing N N 53  
C   "C3'" "O3'"  sing N N 54  
C   "C3'" "C2'"  sing N N 55  
C   "C3'" "H3'"  sing N N 56  
C   "O3'" "HO3'" sing N N 57  
C   "C2'" "O2'"  sing N N 58  
C   "C2'" "C1'"  sing N N 59  
C   "C2'" "H2'"  sing N N 60  
C   "O2'" "HO2'" sing N N 61  
C   "C1'" N1     sing N N 62  
C   "C1'" "H1'"  sing N N 63  
C   N1    C2     sing N N 64  
C   N1    C6     sing N N 65  
C   C2    O2     doub N N 66  
C   C2    N3     sing N N 67  
C   N3    C4     doub N N 68  
C   C4    N4     sing N N 69  
C   C4    C5     sing N N 70  
C   N4    H41    sing N N 71  
C   N4    H42    sing N N 72  
C   C5    C6     doub N N 73  
C   C5    H5     sing N N 74  
C   C6    H6     sing N N 75  
G   OP3   P      sing N N 76  
G   OP3   HOP3   sing N N 77  
G   P     OP1    doub N N 78  
G   P     OP2    sing N N 79  
G   P     "O5'"  sing N N 80  
G   OP2   HOP2   sing N N 81  
G   "O5'" "C5'"  sing N N 82  
G   "C5'" "C4'"  sing N N 83  
G   "C5'" "H5'"  sing N N 84  
G   "C5'" "H5''" sing N N 85  
G   "C4'" "O4'"  sing N N 86  
G   "C4'" "C3'"  sing N N 87  
G   "C4'" "H4'"  sing N N 88  
G   "O4'" "C1'"  sing N N 89  
G   "C3'" "O3'"  sing N N 90  
G   "C3'" "C2'"  sing N N 91  
G   "C3'" "H3'"  sing N N 92  
G   "O3'" "HO3'" sing N N 93  
G   "C2'" "O2'"  sing N N 94  
G   "C2'" "C1'"  sing N N 95  
G   "C2'" "H2'"  sing N N 96  
G   "O2'" "HO2'" sing N N 97  
G   "C1'" N9     sing N N 98  
G   "C1'" "H1'"  sing N N 99  
G   N9    C8     sing Y N 100 
G   N9    C4     sing Y N 101 
G   C8    N7     doub Y N 102 
G   C8    H8     sing N N 103 
G   N7    C5     sing Y N 104 
G   C5    C6     sing N N 105 
G   C5    C4     doub Y N 106 
G   C6    O6     doub N N 107 
G   C6    N1     sing N N 108 
G   N1    C2     sing N N 109 
G   N1    H1     sing N N 110 
G   C2    N2     sing N N 111 
G   C2    N3     doub N N 112 
G   N2    H21    sing N N 113 
G   N2    H22    sing N N 114 
G   N3    C4     sing N N 115 
HOH O     H1     sing N N 116 
HOH O     H2     sing N N 117 
# 
loop_
_ndb_struct_conf_na.entry_id 
_ndb_struct_conf_na.feature 
1SA9 'double helix'         
1SA9 'a-form double helix'  
1SA9 'mismatched base pair' 
# 
loop_
_ndb_struct_na_base_pair.model_number 
_ndb_struct_na_base_pair.i_label_asym_id 
_ndb_struct_na_base_pair.i_label_comp_id 
_ndb_struct_na_base_pair.i_label_seq_id 
_ndb_struct_na_base_pair.i_symmetry 
_ndb_struct_na_base_pair.j_label_asym_id 
_ndb_struct_na_base_pair.j_label_comp_id 
_ndb_struct_na_base_pair.j_label_seq_id 
_ndb_struct_na_base_pair.j_symmetry 
_ndb_struct_na_base_pair.shear 
_ndb_struct_na_base_pair.stretch 
_ndb_struct_na_base_pair.stagger 
_ndb_struct_na_base_pair.buckle 
_ndb_struct_na_base_pair.propeller 
_ndb_struct_na_base_pair.opening 
_ndb_struct_na_base_pair.pair_number 
_ndb_struct_na_base_pair.pair_name 
_ndb_struct_na_base_pair.i_auth_asym_id 
_ndb_struct_na_base_pair.i_auth_seq_id 
_ndb_struct_na_base_pair.i_PDB_ins_code 
_ndb_struct_na_base_pair.j_auth_asym_id 
_ndb_struct_na_base_pair.j_auth_seq_id 
_ndb_struct_na_base_pair.j_PDB_ins_code 
_ndb_struct_na_base_pair.hbond_type_28 
_ndb_struct_na_base_pair.hbond_type_12 
1 A G 1 1_555 B C 8 1_555 -0.748 -0.349 0.328  3.811   -11.105 -1.807  1  A_G101:C116_B A 101 ? B 116 ? 19 1  
1 A G 2 1_555 B C 7 1_555 -2.294 -0.551 0.615  8.135   -25.102 15.776  2  A_G102:C115_B A 102 ? B 115 ? ?  1  
1 A C 3 1_555 B G 6 1_555 -0.241 -0.265 0.282  -5.498  -15.888 -0.150  3  A_C103:G114_B A 103 ? B 114 ? 19 1  
1 A G 4 1_555 B A 5 1_555 6.374  -4.326 0.303  5.413   -15.806 -9.015  4  A_G104:A113_B A 104 ? B 113 ? 11 10 
1 A A 5 1_555 B G 4 1_555 -6.397 -3.599 -0.055 -4.244  -0.464  -4.365  5  A_A105:G112_B A 105 ? B 112 ? 11 9  
1 A G 6 1_555 B C 3 1_555 -0.073 -0.577 0.063  1.453   -8.963  -2.432  6  A_G106:C111_B A 106 ? B 111 ? 19 1  
1 A C 7 1_555 B G 2 1_555 -0.270 -0.437 0.304  -0.817  -4.311  -0.700  7  A_C107:G110_B A 107 ? B 110 ? 19 1  
1 A C 8 1_555 B G 1 1_555 0.425  -0.505 -0.011 7.170   -10.953 -2.987  8  A_C108:G109_B A 108 ? B 109 ? 19 1  
1 C G 1 1_555 D C 8 1_555 -0.872 -0.219 -0.349 -12.263 -13.430 -1.662  9  C_G201:C216_D C 201 ? D 216 ? 19 1  
1 C G 2 1_555 D C 7 1_555 -0.472 -0.618 0.250  -3.038  -4.910  -3.567  10 C_G202:C215_D C 202 ? D 215 ? 19 1  
1 C C 3 1_555 D G 6 1_555 -0.139 -0.511 -0.181 4.572   -8.395  -1.010  11 C_C203:G214_D C 203 ? D 214 ? 19 1  
1 C G 4 1_555 D A 5 1_555 6.453  -3.782 0.385  -2.203  -10.768 -3.190  12 C_G204:A213_D C 204 ? D 213 ? 11 9  
1 C A 5 1_555 D G 4 1_555 -7.204 -5.042 -0.820 3.687   1.705   -29.176 13 C_A205:G212_D C 205 ? D 212 ? ?  ?  
1 C G 6 1_555 D C 3 1_555 -0.542 -0.375 -0.098 -7.699  -15.388 -5.933  14 C_G206:C211_D C 206 ? D 211 ? 19 1  
1 C C 7 1_555 D G 2 1_555 0.157  -0.286 0.407  -2.342  -5.689  3.156   15 C_C207:G210_D C 207 ? D 210 ? 19 1  
1 C C 8 1_555 D G 1 1_555 0.449  -0.021 -0.284 8.661   -0.095  -4.618  16 C_C208:G209_D C 208 ? D 209 ? 19 1  
# 
loop_
_ndb_struct_na_base_pair_step.model_number 
_ndb_struct_na_base_pair_step.i_label_asym_id_1 
_ndb_struct_na_base_pair_step.i_label_comp_id_1 
_ndb_struct_na_base_pair_step.i_label_seq_id_1 
_ndb_struct_na_base_pair_step.i_symmetry_1 
_ndb_struct_na_base_pair_step.j_label_asym_id_1 
_ndb_struct_na_base_pair_step.j_label_comp_id_1 
_ndb_struct_na_base_pair_step.j_label_seq_id_1 
_ndb_struct_na_base_pair_step.j_symmetry_1 
_ndb_struct_na_base_pair_step.i_label_asym_id_2 
_ndb_struct_na_base_pair_step.i_label_comp_id_2 
_ndb_struct_na_base_pair_step.i_label_seq_id_2 
_ndb_struct_na_base_pair_step.i_symmetry_2 
_ndb_struct_na_base_pair_step.j_label_asym_id_2 
_ndb_struct_na_base_pair_step.j_label_comp_id_2 
_ndb_struct_na_base_pair_step.j_label_seq_id_2 
_ndb_struct_na_base_pair_step.j_symmetry_2 
_ndb_struct_na_base_pair_step.shift 
_ndb_struct_na_base_pair_step.slide 
_ndb_struct_na_base_pair_step.rise 
_ndb_struct_na_base_pair_step.tilt 
_ndb_struct_na_base_pair_step.roll 
_ndb_struct_na_base_pair_step.twist 
_ndb_struct_na_base_pair_step.x_displacement 
_ndb_struct_na_base_pair_step.y_displacement 
_ndb_struct_na_base_pair_step.helical_rise 
_ndb_struct_na_base_pair_step.inclination 
_ndb_struct_na_base_pair_step.tip 
_ndb_struct_na_base_pair_step.helical_twist 
_ndb_struct_na_base_pair_step.step_number 
_ndb_struct_na_base_pair_step.step_name 
_ndb_struct_na_base_pair_step.i_auth_asym_id_1 
_ndb_struct_na_base_pair_step.i_auth_seq_id_1 
_ndb_struct_na_base_pair_step.i_PDB_ins_code_1 
_ndb_struct_na_base_pair_step.j_auth_asym_id_1 
_ndb_struct_na_base_pair_step.j_auth_seq_id_1 
_ndb_struct_na_base_pair_step.j_PDB_ins_code_1 
_ndb_struct_na_base_pair_step.i_auth_asym_id_2 
_ndb_struct_na_base_pair_step.i_auth_seq_id_2 
_ndb_struct_na_base_pair_step.i_PDB_ins_code_2 
_ndb_struct_na_base_pair_step.j_auth_asym_id_2 
_ndb_struct_na_base_pair_step.j_auth_seq_id_2 
_ndb_struct_na_base_pair_step.j_PDB_ins_code_2 
1 A G 1 1_555 B C 8 1_555 A G 2 1_555 B C 7 1_555 0.746  -1.751 2.859 -4.541 8.195  27.991  -4.809 -2.223 2.128 16.373 9.072   
29.488  1  AA_G101G102:C115C116_BB A 101 ? B 116 ? A 102 ? B 115 ? 
1 A G 2 1_555 B C 7 1_555 A C 3 1_555 B G 6 1_555 -1.180 -1.413 3.831 -3.586 -0.252 34.290  -2.337 1.328  3.940 -0.426 6.062   
34.473  2  AA_G102C103:G114C115_BB A 102 ? B 115 ? A 103 ? B 114 ? 
1 A C 3 1_555 B G 6 1_555 A G 4 1_555 B A 5 1_555 -0.141 -0.987 3.190 2.489  3.233  62.659  -1.088 0.244  3.134 3.105  -2.391  
62.778  3  AA_C103G104:A113G114_BB A 103 ? B 114 ? A 104 ? B 113 ? 
1 A G 4 1_555 B A 5 1_555 A A 5 1_555 B G 4 1_555 -0.305 -1.411 3.529 -2.799 -1.160 -12.410 7.739  -4.739 3.235 5.263  -12.702 
-12.773 4  AA_G104A105:G112A113_BB A 104 ? B 113 ? A 105 ? B 112 ? 
1 A A 5 1_555 B G 4 1_555 A G 6 1_555 B C 3 1_555 0.328  -0.897 3.242 0.557  4.324  57.387  -1.161 -0.312 3.176 4.496  -0.579  
57.539  5  AA_A105G106:C111G112_BB A 105 ? B 112 ? A 106 ? B 111 ? 
1 A G 6 1_555 B C 3 1_555 A C 7 1_555 B G 2 1_555 0.084  -1.368 3.282 -3.217 10.248 28.145  -4.590 -0.776 2.609 20.169 6.330   
30.086  6  AA_G106C107:G110C111_BB A 106 ? B 111 ? A 107 ? B 110 ? 
1 A C 7 1_555 B G 2 1_555 A C 8 1_555 B G 1 1_555 0.174  -1.977 3.056 3.359  2.946  36.227  -3.529 0.146  2.896 4.715  -5.376  
36.493  7  AA_C107C108:G109G110_BB A 107 ? B 110 ? A 108 ? B 109 ? 
1 C G 1 1_555 D C 8 1_555 C G 2 1_555 D C 7 1_555 -0.589 -2.128 3.158 -7.328 2.292  27.878  -4.756 -0.388 3.030 4.647  14.857  
28.896  8  CC_G201G202:C215C216_DD C 201 ? D 216 ? C 202 ? D 215 ? 
1 C G 2 1_555 D C 7 1_555 C C 3 1_555 D G 6 1_555 0.237  -2.081 3.133 3.312  0.390  33.003  -3.708 0.118  3.117 0.685  -5.812  
33.167  9  CC_G202C203:G214C215_DD C 202 ? D 215 ? C 203 ? D 214 ? 
1 C C 3 1_555 D G 6 1_555 C G 4 1_555 D A 5 1_555 -0.139 -0.760 3.573 4.739  13.549 57.603  -1.507 0.398  3.315 13.826 -4.836  
59.216  10 CC_C203G204:A213G214_DD C 203 ? D 214 ? C 204 ? D 213 ? 
1 C G 4 1_555 D A 5 1_555 C A 5 1_555 D G 4 1_555 -1.079 -1.033 3.228 5.896  3.495  -25.222 1.291  -0.706 3.495 -7.821 13.194  
-26.122 11 CC_G204A205:G212A213_DD C 204 ? D 213 ? C 205 ? D 212 ? 
1 C A 5 1_555 D G 4 1_555 C G 6 1_555 D C 3 1_555 1.129  -1.771 3.908 -9.745 5.838  63.143  -1.959 -1.548 3.560 5.528  9.227   
64.052  12 CC_A205G206:C211G212_DD C 205 ? D 212 ? C 206 ? D 211 ? 
1 C G 6 1_555 D C 3 1_555 C C 7 1_555 D G 2 1_555 0.165  -2.074 3.204 -7.021 -4.282 32.722  -2.869 -1.443 3.336 -7.454 12.223  
33.712  13 CC_G206C207:G210C211_DD C 206 ? D 211 ? C 207 ? D 210 ? 
1 C C 7 1_555 D G 2 1_555 C C 8 1_555 D G 1 1_555 -0.217 -1.551 2.945 6.884  2.662  36.213  -2.763 1.159  2.743 4.229  -10.935 
36.932  14 CC_C207C208:G209G210_DD C 207 ? D 210 ? C 208 ? D 209 ? 
# 
_atom_sites.entry_id                    1SA9 
_atom_sites.fract_transf_matrix[1][1]   -0.01222858 
_atom_sites.fract_transf_matrix[1][2]   0.00689865 
_atom_sites.fract_transf_matrix[1][3]   -0.00881648 
_atom_sites.fract_transf_matrix[2][1]   -0.00403618 
_atom_sites.fract_transf_matrix[2][2]   0.01589293 
_atom_sites.fract_transf_matrix[2][3]   0.00244690 
_atom_sites.fract_transf_matrix[3][1]   0.00964789 
_atom_sites.fract_transf_matrix[3][2]   0.00402551 
_atom_sites.fract_transf_matrix[3][3]   -0.01023191 
_atom_sites.fract_transf_vector[1]      0.325710 
_atom_sites.fract_transf_vector[2]      0.690056 
_atom_sites.fract_transf_vector[3]      0.689942 
# 
loop_
_atom_type.symbol 
C 
N 
O 
P 
# 
loop_
_atom_site.group_PDB 
_atom_site.id 
_atom_site.type_symbol 
_atom_site.label_atom_id 
_atom_site.label_alt_id 
_atom_site.label_comp_id 
_atom_site.label_asym_id 
_atom_site.label_entity_id 
_atom_site.label_seq_id 
_atom_site.pdbx_PDB_ins_code 
_atom_site.Cartn_x 
_atom_site.Cartn_y 
_atom_site.Cartn_z 
_atom_site.occupancy 
_atom_site.B_iso_or_equiv 
_atom_site.pdbx_formal_charge 
_atom_site.auth_seq_id 
_atom_site.auth_comp_id 
_atom_site.auth_asym_id 
_atom_site.auth_atom_id 
_atom_site.pdbx_PDB_model_num 
ATOM   1   O "O5'" . G   A 1 1 ? -9.083  -14.378 -23.944 1.00 71.00  ? 101 G   A "O5'" 1 
ATOM   2   C "C5'" . G   A 1 1 ? -8.876  -14.231 -25.351 1.00 67.64  ? 101 G   A "C5'" 1 
ATOM   3   C "C4'" . G   A 1 1 ? -7.538  -13.601 -25.628 1.00 65.28  ? 101 G   A "C4'" 1 
ATOM   4   O "O4'" . G   A 1 1 ? -7.502  -12.305 -24.980 1.00 62.87  ? 101 G   A "O4'" 1 
ATOM   5   C "C3'" . G   A 1 1 ? -6.334  -14.334 -25.054 1.00 65.60  ? 101 G   A "C3'" 1 
ATOM   6   O "O3'" . G   A 1 1 ? -5.857  -15.366 -25.908 1.00 68.98  ? 101 G   A "O3'" 1 
ATOM   7   C "C2'" . G   A 1 1 ? -5.327  -13.208 -24.932 1.00 64.11  ? 101 G   A "C2'" 1 
ATOM   8   O "O2'" . G   A 1 1 ? -4.791  -12.840 -26.187 1.00 65.85  ? 101 G   A "O2'" 1 
ATOM   9   C "C1'" . G   A 1 1 ? -6.225  -12.096 -24.405 1.00 62.93  ? 101 G   A "C1'" 1 
ATOM   10  N N9    . G   A 1 1 ? -6.378  -12.178 -22.962 1.00 60.38  ? 101 G   A N9    1 
ATOM   11  C C8    . G   A 1 1 ? -7.484  -12.608 -22.281 1.00 60.23  ? 101 G   A C8    1 
ATOM   12  N N7    . G   A 1 1 ? -7.337  -12.568 -20.987 1.00 59.95  ? 101 G   A N7    1 
ATOM   13  C C5    . G   A 1 1 ? -6.041  -12.115 -20.804 1.00 59.23  ? 101 G   A C5    1 
ATOM   14  C C6    . G   A 1 1 ? -5.317  -11.891 -19.616 1.00 59.69  ? 101 G   A C6    1 
ATOM   15  O O6    . G   A 1 1 ? -5.691  -12.055 -18.449 1.00 59.54  ? 101 G   A O6    1 
ATOM   16  N N1    . G   A 1 1 ? -4.030  -11.425 -19.881 1.00 59.56  ? 101 G   A N1    1 
ATOM   17  C C2    . G   A 1 1 ? -3.510  -11.217 -21.134 1.00 59.89  ? 101 G   A C2    1 
ATOM   18  N N2    . G   A 1 1 ? -2.244  -10.769 -21.187 1.00 59.42  ? 101 G   A N2    1 
ATOM   19  N N3    . G   A 1 1 ? -4.180  -11.433 -22.254 1.00 60.54  ? 101 G   A N3    1 
ATOM   20  C C4    . G   A 1 1 ? -5.432  -11.877 -22.014 1.00 60.18  ? 101 G   A C4    1 
ATOM   21  P P     . G   A 1 2 ? -5.004  -16.580 -25.282 1.00 70.43  ? 102 G   A P     1 
ATOM   22  O OP1   . G   A 1 2 ? -4.578  -17.429 -26.421 1.00 73.77  ? 102 G   A OP1   1 
ATOM   23  O OP2   . G   A 1 2 ? -5.767  -17.183 -24.164 1.00 71.73  ? 102 G   A OP2   1 
ATOM   24  O "O5'" . G   A 1 2 ? -3.707  -15.882 -24.687 1.00 68.35  ? 102 G   A "O5'" 1 
ATOM   25  C "C5'" . G   A 1 2 ? -2.803  -15.212 -25.548 1.00 70.60  ? 102 G   A "C5'" 1 
ATOM   26  C "C4'" . G   A 1 2 ? -1.549  -14.860 -24.804 1.00 71.25  ? 102 G   A "C4'" 1 
ATOM   27  O "O4'" . G   A 1 2 ? -1.806  -13.800 -23.850 1.00 70.70  ? 102 G   A "O4'" 1 
ATOM   28  C "C3'" . G   A 1 2 ? -0.994  -15.989 -23.970 1.00 71.49  ? 102 G   A "C3'" 1 
ATOM   29  O "O3'" . G   A 1 2 ? -0.234  -16.870 -24.769 1.00 73.94  ? 102 G   A "O3'" 1 
ATOM   30  C "C2'" . G   A 1 2 ? -0.158  -15.236 -22.950 1.00 71.20  ? 102 G   A "C2'" 1 
ATOM   31  O "O2'" . G   A 1 2 ? 1.062   -14.793 -23.500 1.00 71.85  ? 102 G   A "O2'" 1 
ATOM   32  C "C1'" . G   A 1 2 ? -1.063  -14.039 -22.665 1.00 70.06  ? 102 G   A "C1'" 1 
ATOM   33  N N9    . G   A 1 2 ? -2.021  -14.311 -21.603 1.00 68.40  ? 102 G   A N9    1 
ATOM   34  C C8    . G   A 1 2 ? -3.310  -14.748 -21.766 1.00 68.79  ? 102 G   A C8    1 
ATOM   35  N N7    . G   A 1 2 ? -3.939  -14.913 -20.637 1.00 70.26  ? 102 G   A N7    1 
ATOM   36  C C5    . G   A 1 2 ? -3.006  -14.566 -19.671 1.00 69.45  ? 102 G   A C5    1 
ATOM   37  C C6    . G   A 1 2 ? -3.113  -14.556 -18.263 1.00 71.09  ? 102 G   A C6    1 
ATOM   38  O O6    . G   A 1 2 ? -4.091  -14.853 -17.563 1.00 73.39  ? 102 G   A O6    1 
ATOM   39  N N1    . G   A 1 2 ? -1.929  -14.146 -17.664 1.00 70.37  ? 102 G   A N1    1 
ATOM   40  C C2    . G   A 1 2 ? -0.786  -13.797 -18.334 1.00 68.59  ? 102 G   A C2    1 
ATOM   41  N N2    . G   A 1 2 ? 0.247   -13.411 -17.570 1.00 69.16  ? 102 G   A N2    1 
ATOM   42  N N3    . G   A 1 2 ? -0.670  -13.811 -19.651 1.00 67.11  ? 102 G   A N3    1 
ATOM   43  C C4    . G   A 1 2 ? -1.812  -14.204 -20.251 1.00 67.86  ? 102 G   A C4    1 
ATOM   44  P P     . C   A 1 3 ? -0.202  -18.422 -24.395 1.00 77.18  ? 103 C   A P     1 
ATOM   45  O OP1   . C   A 1 3 ? 0.454   -19.172 -25.490 1.00 78.55  ? 103 C   A OP1   1 
ATOM   46  O OP2   . C   A 1 3 ? -1.591  -18.766 -24.007 1.00 79.36  ? 103 C   A OP2   1 
ATOM   47  O "O5'" . C   A 1 3 ? 0.752   -18.460 -23.122 1.00 75.05  ? 103 C   A "O5'" 1 
ATOM   48  C "C5'" . C   A 1 3 ? 2.023   -17.844 -23.188 1.00 76.39  ? 103 C   A "C5'" 1 
ATOM   49  C "C4'" . C   A 1 3 ? 2.541   -17.557 -21.809 1.00 78.00  ? 103 C   A "C4'" 1 
ATOM   50  O "O4'" . C   A 1 3 ? 1.644   -16.652 -21.123 1.00 78.06  ? 103 C   A "O4'" 1 
ATOM   51  C "C3'" . C   A 1 3 ? 2.612   -18.739 -20.870 1.00 79.73  ? 103 C   A "C3'" 1 
ATOM   52  O "O3'" . C   A 1 3 ? 3.738   -19.554 -21.133 1.00 84.25  ? 103 C   A "O3'" 1 
ATOM   53  C "C2'" . C   A 1 3 ? 2.686   -18.050 -19.516 1.00 78.80  ? 103 C   A "C2'" 1 
ATOM   54  O "O2'" . C   A 1 3 ? 3.969   -17.568 -19.172 1.00 76.36  ? 103 C   A "O2'" 1 
ATOM   55  C "C1'" . C   A 1 3 ? 1.712   -16.891 -19.728 1.00 78.23  ? 103 C   A "C1'" 1 
ATOM   56  N N1    . C   A 1 3 ? 0.362   -17.205 -19.238 1.00 78.30  ? 103 C   A N1    1 
ATOM   57  C C2    . C   A 1 3 ? 0.165   -17.312 -17.864 1.00 77.91  ? 103 C   A C2    1 
ATOM   58  O O2    . C   A 1 3 ? 1.130   -17.121 -17.109 1.00 79.30  ? 103 C   A O2    1 
ATOM   59  N N3    . C   A 1 3 ? -1.060  -17.623 -17.390 1.00 76.90  ? 103 C   A N3    1 
ATOM   60  C C4    . C   A 1 3 ? -2.066  -17.827 -18.236 1.00 76.81  ? 103 C   A C4    1 
ATOM   61  N N4    . C   A 1 3 ? -3.258  -18.127 -17.722 1.00 77.58  ? 103 C   A N4    1 
ATOM   62  C C5    . C   A 1 3 ? -1.893  -17.740 -19.646 1.00 77.83  ? 103 C   A C5    1 
ATOM   63  C C6    . C   A 1 3 ? -0.671  -17.436 -20.102 1.00 78.33  ? 103 C   A C6    1 
ATOM   64  P P     . G   A 1 4 ? 3.650   -21.125 -20.840 1.00 86.47  ? 104 G   A P     1 
ATOM   65  O OP1   . G   A 1 4 ? 4.877   -21.798 -21.345 1.00 88.22  ? 104 G   A OP1   1 
ATOM   66  O OP2   . G   A 1 4 ? 2.314   -21.566 -21.334 1.00 85.37  ? 104 G   A OP2   1 
ATOM   67  O "O5'" . G   A 1 4 ? 3.675   -21.187 -19.248 1.00 87.47  ? 104 G   A "O5'" 1 
ATOM   68  C "C5'" . G   A 1 4 ? 3.137   -22.308 -18.552 1.00 89.29  ? 104 G   A "C5'" 1 
ATOM   69  C "C4'" . G   A 1 4 ? 2.588   -21.875 -17.214 1.00 86.70  ? 104 G   A "C4'" 1 
ATOM   70  O "O4'" . G   A 1 4 ? 1.660   -20.781 -17.401 1.00 85.50  ? 104 G   A "O4'" 1 
ATOM   71  C "C3'" . G   A 1 4 ? 1.808   -22.941 -16.471 1.00 86.23  ? 104 G   A "C3'" 1 
ATOM   72  O "O3'" . G   A 1 4 ? 2.717   -23.680 -15.671 1.00 86.74  ? 104 G   A "O3'" 1 
ATOM   73  C "C2'" . G   A 1 4 ? 0.873   -22.102 -15.615 1.00 85.96  ? 104 G   A "C2'" 1 
ATOM   74  O "O2'" . G   A 1 4 ? 1.568   -21.546 -14.521 1.00 87.10  ? 104 G   A "O2'" 1 
ATOM   75  C "C1'" . G   A 1 4 ? 0.534   -20.962 -16.572 1.00 84.68  ? 104 G   A "C1'" 1 
ATOM   76  N N9    . G   A 1 4 ? -0.617  -21.158 -17.444 1.00 83.15  ? 104 G   A N9    1 
ATOM   77  C C8    . G   A 1 4 ? -0.580  -21.270 -18.810 1.00 82.73  ? 104 G   A C8    1 
ATOM   78  N N7    . G   A 1 4 ? -1.761  -21.336 -19.353 1.00 82.15  ? 104 G   A N7    1 
ATOM   79  C C5    . G   A 1 4 ? -2.633  -21.230 -18.284 1.00 83.42  ? 104 G   A C5    1 
ATOM   80  C C6    . G   A 1 4 ? -4.044  -21.219 -18.259 1.00 84.86  ? 104 G   A C6    1 
ATOM   81  O O6    . G   A 1 4 ? -4.830  -21.323 -19.207 1.00 84.90  ? 104 G   A O6    1 
ATOM   82  N N1    . G   A 1 4 ? -4.530  -21.089 -16.964 1.00 85.91  ? 104 G   A N1    1 
ATOM   83  C C2    . G   A 1 4 ? -3.755  -20.969 -15.840 1.00 85.46  ? 104 G   A C2    1 
ATOM   84  N N2    . G   A 1 4 ? -4.415  -20.847 -14.689 1.00 87.31  ? 104 G   A N2    1 
ATOM   85  N N3    . G   A 1 4 ? -2.433  -20.960 -15.850 1.00 84.89  ? 104 G   A N3    1 
ATOM   86  C C4    . G   A 1 4 ? -1.942  -21.092 -17.099 1.00 83.75  ? 104 G   A C4    1 
ATOM   87  P P     . A   A 1 5 ? 2.573   -25.270 -15.560 1.00 86.53  ? 105 A   A P     1 
ATOM   88  O OP1   . A   A 1 5 ? 3.700   -25.895 -16.289 1.00 87.27  ? 105 A   A OP1   1 
ATOM   89  O OP2   . A   A 1 5 ? 1.181   -25.610 -15.943 1.00 86.78  ? 105 A   A OP2   1 
ATOM   90  O "O5'" . A   A 1 5 ? 2.777   -25.531 -14.001 1.00 85.53  ? 105 A   A "O5'" 1 
ATOM   91  C "C5'" . A   A 1 5 ? 3.927   -25.030 -13.328 1.00 83.93  ? 105 A   A "C5'" 1 
ATOM   92  C "C4'" . A   A 1 5 ? 3.647   -24.909 -11.855 1.00 82.55  ? 105 A   A "C4'" 1 
ATOM   93  O "O4'" . A   A 1 5 ? 2.753   -23.798 -11.601 1.00 82.01  ? 105 A   A "O4'" 1 
ATOM   94  C "C3'" . A   A 1 5 ? 2.941   -26.110 -11.275 1.00 81.77  ? 105 A   A "C3'" 1 
ATOM   95  O "O3'" . A   A 1 5 ? 3.882   -27.108 -10.945 1.00 81.61  ? 105 A   A "O3'" 1 
ATOM   96  C "C2'" . A   A 1 5 ? 2.240   -25.516 -10.066 1.00 82.04  ? 105 A   A "C2'" 1 
ATOM   97  O "O2'" . A   A 1 5 ? 3.111   -25.334 -8.973  1.00 83.23  ? 105 A   A "O2'" 1 
ATOM   98  C "C1'" . A   A 1 5 ? 1.800   -24.163 -10.625 1.00 81.09  ? 105 A   A "C1'" 1 
ATOM   99  N N9    . A   A 1 5 ? 0.512   -24.237 -11.299 1.00 79.30  ? 105 A   A N9    1 
ATOM   100 C C8    . A   A 1 5 ? 0.300   -24.211 -12.648 1.00 79.30  ? 105 A   A C8    1 
ATOM   101 N N7    . A   A 1 5 ? -0.957  -24.323 -12.987 1.00 79.62  ? 105 A   A N7    1 
ATOM   102 C C5    . A   A 1 5 ? -1.617  -24.452 -11.776 1.00 79.57  ? 105 A   A C5    1 
ATOM   103 C C6    . A   A 1 5 ? -2.969  -24.620 -11.454 1.00 79.11  ? 105 A   A C6    1 
ATOM   104 N N6    . A   A 1 5 ? -3.940  -24.677 -12.365 1.00 78.68  ? 105 A   A N6    1 
ATOM   105 N N1    . A   A 1 5 ? -3.299  -24.704 -10.149 1.00 78.06  ? 105 A   A N1    1 
ATOM   106 C C2    . A   A 1 5 ? -2.323  -24.646 -9.242  1.00 79.25  ? 105 A   A C2    1 
ATOM   107 N N3    . A   A 1 5 ? -1.012  -24.503 -9.421  1.00 79.80  ? 105 A   A N3    1 
ATOM   108 C C4    . A   A 1 5 ? -0.722  -24.413 -10.728 1.00 79.62  ? 105 A   A C4    1 
ATOM   109 P P     . G   A 1 6 ? 3.635   -28.600 -11.450 1.00 82.48  ? 106 G   A P     1 
ATOM   110 O OP1   . G   A 1 6 ? 4.670   -29.482 -10.854 1.00 86.81  ? 106 G   A OP1   1 
ATOM   111 O OP2   . G   A 1 6 ? 3.468   -28.557 -12.920 1.00 82.59  ? 106 G   A OP2   1 
ATOM   112 O "O5'" . G   A 1 6 ? 2.233   -28.958 -10.791 1.00 83.18  ? 106 G   A "O5'" 1 
ATOM   113 C "C5'" . G   A 1 6 ? 2.056   -28.889 -9.376  1.00 81.83  ? 106 G   A "C5'" 1 
ATOM   114 C "C4'" . G   A 1 6 ? 0.594   -28.988 -9.031  1.00 78.31  ? 106 G   A "C4'" 1 
ATOM   115 O "O4'" . G   A 1 6 ? -0.102  -27.833 -9.564  1.00 77.80  ? 106 G   A "O4'" 1 
ATOM   116 C "C3'" . G   A 1 6 ? -0.131  -30.160 -9.661  1.00 77.93  ? 106 G   A "C3'" 1 
ATOM   117 O "O3'" . G   A 1 6 ? 0.067   -31.337 -8.903  1.00 78.16  ? 106 G   A "O3'" 1 
ATOM   118 C "C2'" . G   A 1 6 ? -1.572  -29.680 -9.619  1.00 76.66  ? 106 G   A "C2'" 1 
ATOM   119 O "O2'" . G   A 1 6 ? -2.153  -29.785 -8.340  1.00 78.15  ? 106 G   A "O2'" 1 
ATOM   120 C "C1'" . G   A 1 6 ? -1.397  -28.212 -9.992  1.00 74.44  ? 106 G   A "C1'" 1 
ATOM   121 N N9    . G   A 1 6 ? -1.454  -28.057 -11.433 1.00 70.81  ? 106 G   A N9    1 
ATOM   122 C C8    . G   A 1 6 ? -0.402  -28.027 -12.308 1.00 70.99  ? 106 G   A C8    1 
ATOM   123 N N7    . G   A 1 6 ? -0.781  -27.966 -13.554 1.00 71.54  ? 106 G   A N7    1 
ATOM   124 C C5    . G   A 1 6 ? -2.164  -27.974 -13.489 1.00 69.16  ? 106 G   A C5    1 
ATOM   125 C C6    . G   A 1 6 ? -3.130  -27.939 -14.518 1.00 67.48  ? 106 G   A C6    1 
ATOM   126 O O6    . G   A 1 6 ? -2.954  -27.855 -15.730 1.00 65.76  ? 106 G   A O6    1 
ATOM   127 N N1    . G   A 1 6 ? -4.418  -27.980 -14.006 1.00 66.35  ? 106 G   A N1    1 
ATOM   128 C C2    . G   A 1 6 ? -4.734  -28.064 -12.677 1.00 66.92  ? 106 G   A C2    1 
ATOM   129 N N2    . G   A 1 6 ? -6.033  -28.094 -12.374 1.00 66.89  ? 106 G   A N2    1 
ATOM   130 N N3    . G   A 1 6 ? -3.842  -28.112 -11.712 1.00 68.56  ? 106 G   A N3    1 
ATOM   131 C C4    . G   A 1 6 ? -2.588  -28.067 -12.188 1.00 69.75  ? 106 G   A C4    1 
ATOM   132 P P     . C   A 1 7 ? 0.440   -32.708 -9.643  1.00 78.82  ? 107 C   A P     1 
ATOM   133 O OP1   . C   A 1 7 ? 1.309   -33.494 -8.731  1.00 79.58  ? 107 C   A OP1   1 
ATOM   134 O OP2   . C   A 1 7 ? 0.920   -32.378 -11.004 1.00 81.25  ? 107 C   A OP2   1 
ATOM   135 O "O5'" . C   A 1 7 ? -0.968  -33.437 -9.777  1.00 78.83  ? 107 C   A "O5'" 1 
ATOM   136 C "C5'" . C   A 1 7 ? -1.825  -33.548 -8.649  1.00 76.82  ? 107 C   A "C5'" 1 
ATOM   137 C "C4'" . C   A 1 7 ? -3.258  -33.376 -9.068  1.00 74.83  ? 107 C   A "C4'" 1 
ATOM   138 O "O4'" . C   A 1 7 ? -3.420  -32.076 -9.684  1.00 75.39  ? 107 C   A "O4'" 1 
ATOM   139 C "C3'" . C   A 1 7 ? -3.738  -34.326 -10.143 1.00 74.48  ? 107 C   A "C3'" 1 
ATOM   140 O "O3'" . C   A 1 7 ? -4.077  -35.593 -9.617  1.00 72.23  ? 107 C   A "O3'" 1 
ATOM   141 C "C2'" . C   A 1 7 ? -4.934  -33.580 -10.711 1.00 75.26  ? 107 C   A "C2'" 1 
ATOM   142 O "O2'" . C   A 1 7 ? -6.106  -33.674 -9.932  1.00 78.55  ? 107 C   A "O2'" 1 
ATOM   143 C "C1'" . C   A 1 7 ? -4.413  -32.148 -10.692 1.00 74.71  ? 107 C   A "C1'" 1 
ATOM   144 N N1    . C   A 1 7 ? -3.807  -31.791 -11.976 1.00 73.86  ? 107 C   A N1    1 
ATOM   145 C C2    . C   A 1 7 ? -4.618  -31.779 -13.098 1.00 74.85  ? 107 C   A C2    1 
ATOM   146 O O2    . C   A 1 7 ? -5.817  -32.064 -12.962 1.00 75.41  ? 107 C   A O2    1 
ATOM   147 N N3    . C   A 1 7 ? -4.085  -31.469 -14.297 1.00 75.28  ? 107 C   A N3    1 
ATOM   148 C C4    . C   A 1 7 ? -2.794  -31.168 -14.389 1.00 75.59  ? 107 C   A C4    1 
ATOM   149 N N4    . C   A 1 7 ? -2.316  -30.837 -15.586 1.00 77.56  ? 107 C   A N4    1 
ATOM   150 C C5    . C   A 1 7 ? -1.939  -31.174 -13.256 1.00 74.85  ? 107 C   A C5    1 
ATOM   151 C C6    . C   A 1 7 ? -2.480  -31.504 -12.081 1.00 73.93  ? 107 C   A C6    1 
ATOM   152 P P     . C   A 1 8 ? -3.545  -36.907 -10.358 1.00 73.18  ? 108 C   A P     1 
ATOM   153 O OP1   . C   A 1 8 ? -3.728  -38.058 -9.447  1.00 74.27  ? 108 C   A OP1   1 
ATOM   154 O OP2   . C   A 1 8 ? -2.178  -36.590 -10.874 1.00 75.71  ? 108 C   A OP2   1 
ATOM   155 O "O5'" . C   A 1 8 ? -4.557  -37.075 -11.577 1.00 68.72  ? 108 C   A "O5'" 1 
ATOM   156 C "C5'" . C   A 1 8 ? -5.918  -37.356 -11.320 1.00 65.25  ? 108 C   A "C5'" 1 
ATOM   157 C "C4'" . C   A 1 8 ? -6.774  -36.987 -12.497 1.00 63.43  ? 108 C   A "C4'" 1 
ATOM   158 O "O4'" . C   A 1 8 ? -6.374  -35.686 -12.980 1.00 62.01  ? 108 C   A "O4'" 1 
ATOM   159 C "C3'" . C   A 1 8 ? -6.666  -37.849 -13.738 1.00 64.78  ? 108 C   A "C3'" 1 
ATOM   160 O "O3'" . C   A 1 8 ? -7.269  -39.136 -13.622 1.00 68.80  ? 108 C   A "O3'" 1 
ATOM   161 C "C2'" . C   A 1 8 ? -7.255  -36.930 -14.797 1.00 63.73  ? 108 C   A "C2'" 1 
ATOM   162 O "O2'" . C   A 1 8 ? -8.666  -36.861 -14.729 1.00 63.79  ? 108 C   A "O2'" 1 
ATOM   163 C "C1'" . C   A 1 8 ? -6.665  -35.588 -14.366 1.00 62.51  ? 108 C   A "C1'" 1 
ATOM   164 N N1    . C   A 1 8 ? -5.437  -35.198 -15.078 1.00 60.90  ? 108 C   A N1    1 
ATOM   165 C C2    . C   A 1 8 ? -5.538  -34.734 -16.390 1.00 59.64  ? 108 C   A C2    1 
ATOM   166 O O2    . C   A 1 8 ? -6.643  -34.764 -16.953 1.00 60.44  ? 108 C   A O2    1 
ATOM   167 N N3    . C   A 1 8 ? -4.429  -34.306 -17.023 1.00 56.98  ? 108 C   A N3    1 
ATOM   168 C C4    . C   A 1 8 ? -3.263  -34.296 -16.383 1.00 57.86  ? 108 C   A C4    1 
ATOM   169 N N4    . C   A 1 8 ? -2.197  -33.858 -17.039 1.00 60.40  ? 108 C   A N4    1 
ATOM   170 C C5    . C   A 1 8 ? -3.135  -34.732 -15.040 1.00 58.78  ? 108 C   A C5    1 
ATOM   171 C C6    . C   A 1 8 ? -4.238  -35.166 -14.428 1.00 60.71  ? 108 C   A C6    1 
ATOM   172 O "O5'" . G   B 1 1 ? -3.839  -30.254 -25.955 1.00 69.24  ? 109 G   B "O5'" 1 
ATOM   173 C "C5'" . G   B 1 1 ? -4.773  -30.770 -26.912 1.00 65.66  ? 109 G   B "C5'" 1 
ATOM   174 C "C4'" . G   B 1 1 ? -5.828  -31.609 -26.235 1.00 62.87  ? 109 G   B "C4'" 1 
ATOM   175 O "O4'" . G   B 1 1 ? -5.232  -32.828 -25.707 1.00 61.21  ? 109 G   B "O4'" 1 
ATOM   176 C "C3'" . G   B 1 1 ? -6.475  -30.970 -25.021 1.00 60.27  ? 109 G   B "C3'" 1 
ATOM   177 O "O3'" . G   B 1 1 ? -7.507  -30.077 -25.395 1.00 59.87  ? 109 G   B "O3'" 1 
ATOM   178 C "C2'" . G   B 1 1 ? -7.018  -32.186 -24.295 1.00 60.11  ? 109 G   B "C2'" 1 
ATOM   179 O "O2'" . G   B 1 1 ? -8.194  -32.668 -24.911 1.00 60.70  ? 109 G   B "O2'" 1 
ATOM   180 C "C1'" . G   B 1 1 ? -5.863  -33.171 -24.485 1.00 59.78  ? 109 G   B "C1'" 1 
ATOM   181 N N9    . G   B 1 1 ? -4.873  -33.039 -23.423 1.00 59.29  ? 109 G   B N9    1 
ATOM   182 C C8    . G   B 1 1 ? -3.614  -32.508 -23.527 1.00 58.46  ? 109 G   B C8    1 
ATOM   183 N N7    . G   B 1 1 ? -2.976  -32.484 -22.390 1.00 57.56  ? 109 G   B N7    1 
ATOM   184 C C5    . G   B 1 1 ? -3.879  -33.005 -21.478 1.00 56.98  ? 109 G   B C5    1 
ATOM   185 C C6    . G   B 1 1 ? -3.753  -33.215 -20.093 1.00 57.21  ? 109 G   B C6    1 
ATOM   186 O O6    . G   B 1 1 ? -2.784  -32.989 -19.375 1.00 58.59  ? 109 G   B O6    1 
ATOM   187 N N1    . G   B 1 1 ? -4.903  -33.768 -19.550 1.00 57.52  ? 109 G   B N1    1 
ATOM   188 C C2    . G   B 1 1 ? -6.040  -34.071 -20.255 1.00 60.09  ? 109 G   B C2    1 
ATOM   189 N N2    . G   B 1 1 ? -7.058  -34.607 -19.551 1.00 62.22  ? 109 G   B N2    1 
ATOM   190 N N3    . G   B 1 1 ? -6.173  -33.872 -21.555 1.00 60.07  ? 109 G   B N3    1 
ATOM   191 C C4    . G   B 1 1 ? -5.058  -33.344 -22.097 1.00 58.76  ? 109 G   B C4    1 
ATOM   192 P P     . G   B 1 2 ? -7.834  -28.813 -24.462 1.00 60.51  ? 110 G   B P     1 
ATOM   193 O OP1   . G   B 1 2 ? -8.886  -28.041 -25.181 1.00 57.43  ? 110 G   B OP1   1 
ATOM   194 O OP2   . G   B 1 2 ? -6.563  -28.144 -24.062 1.00 58.18  ? 110 G   B OP2   1 
ATOM   195 O "O5'" . G   B 1 2 ? -8.473  -29.463 -23.151 1.00 60.58  ? 110 G   B "O5'" 1 
ATOM   196 C "C5'" . G   B 1 2 ? -9.725  -30.161 -23.206 1.00 58.81  ? 110 G   B "C5'" 1 
ATOM   197 C "C4'" . G   B 1 2 ? -10.170 -30.571 -21.814 1.00 55.67  ? 110 G   B "C4'" 1 
ATOM   198 O "O4'" . G   B 1 2 ? -9.277  -31.589 -21.284 1.00 53.75  ? 110 G   B "O4'" 1 
ATOM   199 C "C3'" . G   B 1 2 ? -10.152 -29.471 -20.764 1.00 54.69  ? 110 G   B "C3'" 1 
ATOM   200 O "O3'" . G   B 1 2 ? -11.340 -28.699 -20.799 1.00 50.91  ? 110 G   B "O3'" 1 
ATOM   201 C "C2'" . G   B 1 2 ? -10.036 -30.257 -19.470 1.00 52.78  ? 110 G   B "C2'" 1 
ATOM   202 O "O2'" . G   B 1 2 ? -11.276 -30.780 -19.060 1.00 56.77  ? 110 G   B "O2'" 1 
ATOM   203 C "C1'" . G   B 1 2 ? -9.109  -31.393 -19.894 1.00 50.61  ? 110 G   B "C1'" 1 
ATOM   204 N N9    . G   B 1 2 ? -7.718  -31.055 -19.664 1.00 48.24  ? 110 G   B N9    1 
ATOM   205 C C8    . G   B 1 2 ? -6.820  -30.580 -20.581 1.00 49.09  ? 110 G   B C8    1 
ATOM   206 N N7    . G   B 1 2 ? -5.638  -30.370 -20.072 1.00 50.43  ? 110 G   B N7    1 
ATOM   207 C C5    . G   B 1 2 ? -5.777  -30.707 -18.737 1.00 48.19  ? 110 G   B C5    1 
ATOM   208 C C6    . G   B 1 2 ? -4.843  -30.669 -17.683 1.00 47.60  ? 110 G   B C6    1 
ATOM   209 O O6    . G   B 1 2 ? -3.673  -30.304 -17.714 1.00 47.59  ? 110 G   B O6    1 
ATOM   210 N N1    . G   B 1 2 ? -5.399  -31.103 -16.490 1.00 48.68  ? 110 G   B N1    1 
ATOM   211 C C2    . G   B 1 2 ? -6.704  -31.499 -16.327 1.00 50.40  ? 110 G   B C2    1 
ATOM   212 N N2    . G   B 1 2 ? -7.067  -31.882 -15.091 1.00 51.80  ? 110 G   B N2    1 
ATOM   213 N N3    . G   B 1 2 ? -7.592  -31.522 -17.305 1.00 49.92  ? 110 G   B N3    1 
ATOM   214 C C4    . G   B 1 2 ? -7.063  -31.115 -18.471 1.00 48.87  ? 110 G   B C4    1 
ATOM   215 P P     . C   B 1 3 ? -11.247 -27.109 -20.617 1.00 52.17  ? 111 C   B P     1 
ATOM   216 O OP1   . C   B 1 3 ? -12.548 -26.558 -21.096 1.00 49.34  ? 111 C   B OP1   1 
ATOM   217 O OP2   . C   B 1 3 ? -9.973  -26.633 -21.220 1.00 52.22  ? 111 C   B OP2   1 
ATOM   218 O "O5'" . C   B 1 3 ? -11.084 -26.890 -19.046 1.00 47.71  ? 111 C   B "O5'" 1 
ATOM   219 C "C5'" . C   B 1 3 ? -12.195 -27.061 -18.179 1.00 45.43  ? 111 C   B "C5'" 1 
ATOM   220 C "C4'" . C   B 1 3 ? -11.739 -27.445 -16.800 1.00 40.98  ? 111 C   B "C4'" 1 
ATOM   221 O "O4'" . C   B 1 3 ? -10.725 -28.479 -16.904 1.00 40.42  ? 111 C   B "O4'" 1 
ATOM   222 C "C3'" . C   B 1 3 ? -11.039 -26.377 -15.984 1.00 40.46  ? 111 C   B "C3'" 1 
ATOM   223 O "O3'" . C   B 1 3 ? -11.989 -25.526 -15.373 1.00 42.56  ? 111 C   B "O3'" 1 
ATOM   224 C "C2'" . C   B 1 3 ? -10.341 -27.225 -14.936 1.00 38.20  ? 111 C   B "C2'" 1 
ATOM   225 O "O2'" . C   B 1 3 ? -11.238 -27.739 -13.980 1.00 40.69  ? 111 C   B "O2'" 1 
ATOM   226 C "C1'" . C   B 1 3 ? -9.862  -28.394 -15.786 1.00 38.20  ? 111 C   B "C1'" 1 
ATOM   227 N N1    . C   B 1 3 ? -8.505  -28.160 -16.254 1.00 35.99  ? 111 C   B N1    1 
ATOM   228 C C2    . C   B 1 3 ? -7.489  -28.182 -15.323 1.00 35.25  ? 111 C   B C2    1 
ATOM   229 O O2    . C   B 1 3 ? -7.774  -28.434 -14.156 1.00 32.53  ? 111 C   B O2    1 
ATOM   230 N N3    . C   B 1 3 ? -6.225  -27.948 -15.712 1.00 39.74  ? 111 C   B N3    1 
ATOM   231 C C4    . C   B 1 3 ? -5.961  -27.717 -16.994 1.00 40.83  ? 111 C   B C4    1 
ATOM   232 N N4    . C   B 1 3 ? -4.695  -27.494 -17.337 1.00 42.71  ? 111 C   B N4    1 
ATOM   233 C C5    . C   B 1 3 ? -6.991  -27.664 -17.975 1.00 40.50  ? 111 C   B C5    1 
ATOM   234 C C6    . C   B 1 3 ? -8.241  -27.881 -17.562 1.00 38.10  ? 111 C   B C6    1 
ATOM   235 P P     . G   B 1 4 ? -11.865 -23.937 -15.548 1.00 45.61  ? 112 G   B P     1 
ATOM   236 O OP1   . G   B 1 4 ? -13.054 -23.307 -14.917 1.00 48.37  ? 112 G   B OP1   1 
ATOM   237 O OP2   . G   B 1 4 ? -11.586 -23.700 -16.994 1.00 44.56  ? 112 G   B OP2   1 
ATOM   238 O "O5'" . G   B 1 4 ? -10.624 -23.541 -14.641 1.00 40.06  ? 112 G   B "O5'" 1 
ATOM   239 C "C5'" . G   B 1 4 ? -10.735 -23.615 -13.239 1.00 43.67  ? 112 G   B "C5'" 1 
ATOM   240 C "C4'" . G   B 1 4 ? -9.406  -23.956 -12.648 1.00 46.43  ? 112 G   B "C4'" 1 
ATOM   241 O "O4'" . G   B 1 4 ? -8.844  -25.016 -13.448 1.00 49.29  ? 112 G   B "O4'" 1 
ATOM   242 C "C3'" . G   B 1 4 ? -8.372  -22.849 -12.730 1.00 49.42  ? 112 G   B "C3'" 1 
ATOM   243 O "O3'" . G   B 1 4 ? -8.449  -22.069 -11.550 1.00 50.28  ? 112 G   B "O3'" 1 
ATOM   244 C "C2'" . G   B 1 4 ? -7.082  -23.641 -12.688 1.00 52.49  ? 112 G   B "C2'" 1 
ATOM   245 O "O2'" . G   B 1 4 ? -6.847  -24.109 -11.380 1.00 56.36  ? 112 G   B "O2'" 1 
ATOM   246 C "C1'" . G   B 1 4 ? -7.447  -24.841 -13.552 1.00 53.92  ? 112 G   B "C1'" 1 
ATOM   247 N N9    . G   B 1 4 ? -7.095  -24.712 -14.961 1.00 57.92  ? 112 G   B N9    1 
ATOM   248 C C8    . G   B 1 4 ? -7.954  -24.737 -16.033 1.00 60.03  ? 112 G   B C8    1 
ATOM   249 N N7    . G   B 1 4 ? -7.340  -24.682 -17.184 1.00 60.10  ? 112 G   B N7    1 
ATOM   250 C C5    . G   B 1 4 ? -5.993  -24.630 -16.852 1.00 59.63  ? 112 G   B C5    1 
ATOM   251 C C6    . G   B 1 4 ? -4.841  -24.576 -17.684 1.00 60.25  ? 112 G   B C6    1 
ATOM   252 O O6    . G   B 1 4 ? -4.783  -24.544 -18.922 1.00 61.47  ? 112 G   B O6    1 
ATOM   253 N N1    . G   B 1 4 ? -3.671  -24.555 -16.932 1.00 60.40  ? 112 G   B N1    1 
ATOM   254 C C2    . G   B 1 4 ? -3.614  -24.583 -15.562 1.00 60.69  ? 112 G   B C2    1 
ATOM   255 N N2    . G   B 1 4 ? -2.392  -24.545 -15.021 1.00 61.80  ? 112 G   B N2    1 
ATOM   256 N N3    . G   B 1 4 ? -4.676  -24.645 -14.779 1.00 59.18  ? 112 G   B N3    1 
ATOM   257 C C4    . G   B 1 4 ? -5.824  -24.674 -15.485 1.00 58.61  ? 112 G   B C4    1 
ATOM   258 P P     . A   B 1 5 ? -8.768  -20.502 -11.643 1.00 51.78  ? 113 A   B P     1 
ATOM   259 O OP1   . A   B 1 5 ? -10.234 -20.295 -11.463 1.00 49.10  ? 113 A   B OP1   1 
ATOM   260 O OP2   . A   B 1 5 ? -8.104  -19.992 -12.864 1.00 52.48  ? 113 A   B OP2   1 
ATOM   261 O "O5'" . A   B 1 5 ? -8.000  -19.926 -10.376 1.00 49.29  ? 113 A   B "O5'" 1 
ATOM   262 C "C5'" . A   B 1 5 ? -8.231  -20.484 -9.100  1.00 48.83  ? 113 A   B "C5'" 1 
ATOM   263 C "C4'" . A   B 1 5 ? -6.929  -20.842 -8.443  1.00 49.86  ? 113 A   B "C4'" 1 
ATOM   264 O "O4'" . A   B 1 5 ? -6.224  -21.809 -9.250  1.00 51.68  ? 113 A   B "O4'" 1 
ATOM   265 C "C3'" . A   B 1 5 ? -5.929  -19.718 -8.313  1.00 50.57  ? 113 A   B "C3'" 1 
ATOM   266 O "O3'" . A   B 1 5 ? -6.234  -18.903 -7.206  1.00 54.07  ? 113 A   B "O3'" 1 
ATOM   267 C "C2'" . A   B 1 5 ? -4.623  -20.470 -8.109  1.00 51.18  ? 113 A   B "C2'" 1 
ATOM   268 O "O2'" . A   B 1 5 ? -4.391  -20.887 -6.788  1.00 49.57  ? 113 A   B "O2'" 1 
ATOM   269 C "C1'" . A   B 1 5 ? -4.832  -21.684 -9.011  1.00 53.76  ? 113 A   B "C1'" 1 
ATOM   270 N N9    . A   B 1 5 ? -4.165  -21.469 -10.282 1.00 57.29  ? 113 A   B N9    1 
ATOM   271 C C8    . A   B 1 5 ? -4.721  -21.225 -11.510 1.00 57.08  ? 113 A   B C8    1 
ATOM   272 N N7    . A   B 1 5 ? -3.837  -21.017 -12.453 1.00 58.01  ? 113 A   B N7    1 
ATOM   273 C C5    . A   B 1 5 ? -2.621  -21.097 -11.795 1.00 58.27  ? 113 A   B C5    1 
ATOM   274 C C6    . A   B 1 5 ? -1.308  -20.958 -12.238 1.00 57.86  ? 113 A   B C6    1 
ATOM   275 N N6    . A   B 1 5 ? -0.989  -20.697 -13.506 1.00 57.67  ? 113 A   B N6    1 
ATOM   276 N N1    . A   B 1 5 ? -0.318  -21.120 -11.333 1.00 58.47  ? 113 A   B N1    1 
ATOM   277 C C2    . A   B 1 5 ? -0.650  -21.338 -10.051 1.00 60.62  ? 113 A   B C2    1 
ATOM   278 N N3    . A   B 1 5 ? -1.858  -21.482 -9.509  1.00 59.70  ? 113 A   B N3    1 
ATOM   279 C C4    . A   B 1 5 ? -2.810  -21.348 -10.449 1.00 59.00  ? 113 A   B C4    1 
ATOM   280 P P     . G   B 1 6 ? -6.172  -17.316 -7.371  1.00 57.81  ? 114 G   B P     1 
ATOM   281 O OP1   . G   B 1 6 ? -6.349  -16.703 -6.030  1.00 56.84  ? 114 G   B OP1   1 
ATOM   282 O OP2   . G   B 1 6 ? -7.098  -16.950 -8.481  1.00 57.12  ? 114 G   B OP2   1 
ATOM   283 O "O5'" . G   B 1 6 ? -4.670  -17.063 -7.843  1.00 60.37  ? 114 G   B "O5'" 1 
ATOM   284 C "C5'" . G   B 1 6 ? -3.592  -17.220 -6.924  1.00 62.13  ? 114 G   B "C5'" 1 
ATOM   285 C "C4'" . G   B 1 6 ? -2.259  -17.138 -7.637  1.00 63.77  ? 114 G   B "C4'" 1 
ATOM   286 O "O4'" . G   B 1 6 ? -2.120  -18.251 -8.569  1.00 63.27  ? 114 G   B "O4'" 1 
ATOM   287 C "C3'" . G   B 1 6 ? -1.986  -15.919 -8.508  1.00 65.31  ? 114 G   B "C3'" 1 
ATOM   288 O "O3'" . G   B 1 6 ? -1.613  -14.756 -7.777  1.00 71.45  ? 114 G   B "O3'" 1 
ATOM   289 C "C2'" . G   B 1 6 ? -0.845  -16.438 -9.363  1.00 63.08  ? 114 G   B "C2'" 1 
ATOM   290 O "O2'" . G   B 1 6 ? 0.368   -16.528 -8.636  1.00 61.10  ? 114 G   B "O2'" 1 
ATOM   291 C "C1'" . G   B 1 6 ? -1.368  -17.832 -9.699  1.00 60.21  ? 114 G   B "C1'" 1 
ATOM   292 N N9    . G   B 1 6 ? -2.273  -17.779 -10.842 1.00 56.16  ? 114 G   B N9    1 
ATOM   293 C C8    . G   B 1 6 ? -3.638  -17.664 -10.809 1.00 54.81  ? 114 G   B C8    1 
ATOM   294 N N7    . G   B 1 6 ? -4.175  -17.610 -11.997 1.00 53.94  ? 114 G   B N7    1 
ATOM   295 C C5    . G   B 1 6 ? -3.094  -17.675 -12.865 1.00 52.30  ? 114 G   B C5    1 
ATOM   296 C C6    . G   B 1 6 ? -3.049  -17.640 -14.283 1.00 50.54  ? 114 G   B C6    1 
ATOM   297 O O6    . G   B 1 6 ? -3.987  -17.585 -15.083 1.00 49.05  ? 114 G   B O6    1 
ATOM   298 N N1    . G   B 1 6 ? -1.744  -17.713 -14.751 1.00 49.15  ? 114 G   B N1    1 
ATOM   299 C C2    . G   B 1 6 ? -0.627  -17.777 -13.961 1.00 49.41  ? 114 G   B C2    1 
ATOM   300 N N2    . G   B 1 6 ? 0.550   -17.823 -14.594 1.00 47.95  ? 114 G   B N2    1 
ATOM   301 N N3    . G   B 1 6 ? -0.657  -17.800 -12.645 1.00 51.95  ? 114 G   B N3    1 
ATOM   302 C C4    . G   B 1 6 ? -1.913  -17.737 -12.167 1.00 53.29  ? 114 G   B C4    1 
ATOM   303 P P     . C   B 1 7 ? -2.105  -13.307 -8.287  1.00 75.60  ? 115 C   B P     1 
ATOM   304 O OP1   . C   B 1 7 ? -1.895  -12.325 -7.189  1.00 75.12  ? 115 C   B OP1   1 
ATOM   305 O OP2   . C   B 1 7 ? -3.459  -13.465 -8.887  1.00 73.19  ? 115 C   B OP2   1 
ATOM   306 O "O5'" . C   B 1 7 ? -1.114  -12.953 -9.482  1.00 75.95  ? 115 C   B "O5'" 1 
ATOM   307 C "C5'" . C   B 1 7 ? 0.225   -13.450 -9.509  1.00 76.90  ? 115 C   B "C5'" 1 
ATOM   308 C "C4'" . C   B 1 7 ? 0.668   -13.629 -10.942 1.00 78.05  ? 115 C   B "C4'" 1 
ATOM   309 O "O4'" . C   B 1 7 ? -0.156  -14.648 -11.573 1.00 79.29  ? 115 C   B "O4'" 1 
ATOM   310 C "C3'" . C   B 1 7 ? 0.443   -12.400 -11.802 1.00 78.78  ? 115 C   B "C3'" 1 
ATOM   311 O "O3'" . C   B 1 7 ? 1.465   -11.412 -11.597 1.00 77.52  ? 115 C   B "O3'" 1 
ATOM   312 C "C2'" . C   B 1 7 ? 0.293   -12.983 -13.219 1.00 78.01  ? 115 C   B "C2'" 1 
ATOM   313 O "O2'" . C   B 1 7 ? 1.428   -13.218 -14.023 1.00 79.17  ? 115 C   B "O2'" 1 
ATOM   314 C "C1'" . C   B 1 7 ? -0.364  -14.328 -12.938 1.00 76.58  ? 115 C   B "C1'" 1 
ATOM   315 N N1    . C   B 1 7 ? -1.791  -14.237 -13.194 1.00 73.91  ? 115 C   B N1    1 
ATOM   316 C C2    . C   B 1 7 ? -2.204  -14.175 -14.510 1.00 71.79  ? 115 C   B C2    1 
ATOM   317 O O2    . C   B 1 7 ? -1.355  -14.290 -15.393 1.00 67.50  ? 115 C   B O2    1 
ATOM   318 N N3    . C   B 1 7 ? -3.514  -14.014 -14.789 1.00 74.72  ? 115 C   B N3    1 
ATOM   319 C C4    . C   B 1 7 ? -4.391  -13.858 -13.788 1.00 78.94  ? 115 C   B C4    1 
ATOM   320 N N4    . C   B 1 7 ? -5.691  -13.684 -14.098 1.00 79.88  ? 115 C   B N4    1 
ATOM   321 C C5    . C   B 1 7 ? -3.978  -13.865 -12.421 1.00 79.72  ? 115 C   B C5    1 
ATOM   322 C C6    . C   B 1 7 ? -2.675  -14.025 -12.176 1.00 76.21  ? 115 C   B C6    1 
ATOM   323 P P     . C   B 1 8 ? 1.109   -9.849  -11.767 1.00 76.85  ? 116 C   B P     1 
ATOM   324 O OP1   . C   B 1 8 ? 1.323   -9.123  -10.484 1.00 74.22  ? 116 C   B OP1   1 
ATOM   325 O OP2   . C   B 1 8 ? -0.219  -9.809  -12.432 1.00 74.93  ? 116 C   B OP2   1 
ATOM   326 O "O5'" . C   B 1 8 ? 2.150   -9.312  -12.839 1.00 75.38  ? 116 C   B "O5'" 1 
ATOM   327 C "C5'" . C   B 1 8 ? 1.750   -8.330  -13.781 1.00 73.38  ? 116 C   B "C5'" 1 
ATOM   328 C "C4'" . C   B 1 8 ? 1.888   -8.866  -15.181 1.00 71.78  ? 116 C   B "C4'" 1 
ATOM   329 O "O4'" . C   B 1 8 ? 1.248   -10.166 -15.279 1.00 70.56  ? 116 C   B "O4'" 1 
ATOM   330 C "C3'" . C   B 1 8 ? 1.203   -8.033  -16.245 1.00 72.51  ? 116 C   B "C3'" 1 
ATOM   331 O "O3'" . C   B 1 8 ? 1.870   -6.811  -16.583 1.00 75.55  ? 116 C   B "O3'" 1 
ATOM   332 C "C2'" . C   B 1 8 ? 0.998   -9.050  -17.358 1.00 71.06  ? 116 C   B "C2'" 1 
ATOM   333 O "O2'" . C   B 1 8 ? 2.192   -9.272  -18.080 1.00 72.49  ? 116 C   B "O2'" 1 
ATOM   334 C "C1'" . C   B 1 8 ? 0.638   -10.303 -16.555 1.00 67.82  ? 116 C   B "C1'" 1 
ATOM   335 N N1    . C   B 1 8 ? -0.807  -10.495 -16.349 1.00 62.12  ? 116 C   B N1    1 
ATOM   336 C C2    . C   B 1 8 ? -1.633  -10.716 -17.455 1.00 57.82  ? 116 C   B C2    1 
ATOM   337 O O2    . C   B 1 8 ? -1.140  -10.716 -18.578 1.00 53.24  ? 116 C   B O2    1 
ATOM   338 N N3    . C   B 1 8 ? -2.953  -10.901 -17.265 1.00 57.68  ? 116 C   B N3    1 
ATOM   339 C C4    . C   B 1 8 ? -3.456  -10.902 -16.029 1.00 59.98  ? 116 C   B C4    1 
ATOM   340 N N4    . C   B 1 8 ? -4.776  -11.073 -15.887 1.00 59.86  ? 116 C   B N4    1 
ATOM   341 C C5    . C   B 1 8 ? -2.640  -10.677 -14.883 1.00 60.93  ? 116 C   B C5    1 
ATOM   342 C C6    . C   B 1 8 ? -1.333  -10.492 -15.088 1.00 62.12  ? 116 C   B C6    1 
ATOM   343 O "O5'" . G   C 1 1 ? 13.175  5.155   14.029  1.00 65.21  ? 201 G   C "O5'" 1 
ATOM   344 C "C5'" . G   C 1 1 ? 13.579  4.954   15.378  1.00 67.26  ? 201 G   C "C5'" 1 
ATOM   345 C "C4'" . G   C 1 1 ? 15.080  4.949   15.509  1.00 66.65  ? 201 G   C "C4'" 1 
ATOM   346 O "O4'" . G   C 1 1 ? 15.614  3.813   14.779  1.00 67.06  ? 201 G   C "O4'" 1 
ATOM   347 C "C3'" . G   C 1 1 ? 15.793  6.140   14.890  1.00 65.89  ? 201 G   C "C3'" 1 
ATOM   348 O "O3'" . G   C 1 1 ? 15.798  7.295   15.707  1.00 67.66  ? 201 G   C "O3'" 1 
ATOM   349 C "C2'" . G   C 1 1 ? 17.177  5.568   14.637  1.00 65.75  ? 201 G   C "C2'" 1 
ATOM   350 O "O2'" . G   C 1 1 ? 17.964  5.430   15.805  1.00 61.66  ? 201 G   C "O2'" 1 
ATOM   351 C "C1'" . G   C 1 1 ? 16.793  4.201   14.081  1.00 66.77  ? 201 G   C "C1'" 1 
ATOM   352 N N9    . G   C 1 1 ? 16.452  4.305   12.667  1.00 66.44  ? 201 G   C N9    1 
ATOM   353 C C8    . G   C 1 1 ? 15.193  4.261   12.118  1.00 67.58  ? 201 G   C C8    1 
ATOM   354 N N7    . G   C 1 1 ? 15.188  4.448   10.825  1.00 66.31  ? 201 G   C N7    1 
ATOM   355 C C5    . G   C 1 1 ? 16.520  4.650   10.508  1.00 64.38  ? 201 G   C C5    1 
ATOM   356 C C6    . G   C 1 1 ? 17.119  4.907   9.271   1.00 63.32  ? 201 G   C C6    1 
ATOM   357 O O6    . G   C 1 1 ? 16.578  4.990   8.162   1.00 62.83  ? 201 G   C O6    1 
ATOM   358 N N1    . G   C 1 1 ? 18.498  5.034   9.391   1.00 63.42  ? 201 G   C N1    1 
ATOM   359 C C2    . G   C 1 1 ? 19.202  4.957   10.570  1.00 63.47  ? 201 G   C C2    1 
ATOM   360 N N2    . G   C 1 1 ? 20.526  5.136   10.491  1.00 62.95  ? 201 G   C N2    1 
ATOM   361 N N3    . G   C 1 1 ? 18.645  4.731   11.740  1.00 63.86  ? 201 G   C N3    1 
ATOM   362 C C4    . G   C 1 1 ? 17.311  4.583   11.637  1.00 64.97  ? 201 G   C C4    1 
ATOM   363 P P     . G   C 1 2 ? 15.708  8.741   15.019  1.00 69.11  ? 202 G   C P     1 
ATOM   364 O OP1   . G   C 1 2 ? 15.621  9.746   16.106  1.00 69.42  ? 202 G   C OP1   1 
ATOM   365 O OP2   . G   C 1 2 ? 14.660  8.696   13.963  1.00 67.43  ? 202 G   C OP2   1 
ATOM   366 O "O5'" . G   C 1 2 ? 17.137  8.937   14.351  1.00 67.59  ? 202 G   C "O5'" 1 
ATOM   367 C "C5'" . G   C 1 2 ? 18.270  9.097   15.183  1.00 66.93  ? 202 G   C "C5'" 1 
ATOM   368 C "C4'" . G   C 1 2 ? 19.535  9.149   14.376  1.00 67.24  ? 202 G   C "C4'" 1 
ATOM   369 O "O4'" . G   C 1 2 ? 19.584  8.029   13.457  1.00 67.48  ? 202 G   C "O4'" 1 
ATOM   370 C "C3'" . G   C 1 2 ? 19.708  10.335  13.458  1.00 66.54  ? 202 G   C "C3'" 1 
ATOM   371 O "O3'" . G   C 1 2 ? 20.105  11.491  14.160  1.00 67.92  ? 202 G   C "O3'" 1 
ATOM   372 C "C2'" . G   C 1 2 ? 20.799  9.823   12.545  1.00 66.62  ? 202 G   C "C2'" 1 
ATOM   373 O "O2'" . G   C 1 2 ? 22.050  9.761   13.216  1.00 65.98  ? 202 G   C "O2'" 1 
ATOM   374 C "C1'" . G   C 1 2 ? 20.272  8.416   12.280  1.00 65.91  ? 202 G   C "C1'" 1 
ATOM   375 N N9    . G   C 1 2 ? 19.317  8.396   11.178  1.00 63.93  ? 202 G   C N9    1 
ATOM   376 C C8    . G   C 1 2 ? 17.971  8.133   11.251  1.00 62.79  ? 202 G   C C8    1 
ATOM   377 N N7    . G   C 1 2 ? 17.384  8.147   10.085  1.00 62.28  ? 202 G   C N7    1 
ATOM   378 C C5    . G   C 1 2 ? 18.399  8.461   9.193   1.00 61.45  ? 202 G   C C5    1 
ATOM   379 C C6    . G   C 1 2 ? 18.365  8.628   7.790   1.00 59.66  ? 202 G   C C6    1 
ATOM   380 O O6    . G   C 1 2 ? 17.401  8.555   7.038   1.00 57.95  ? 202 G   C O6    1 
ATOM   381 N N1    . G   C 1 2 ? 19.619  8.937   7.281   1.00 59.75  ? 202 G   C N1    1 
ATOM   382 C C2    . G   C 1 2 ? 20.764  9.069   8.029   1.00 62.63  ? 202 G   C C2    1 
ATOM   383 N N2    . G   C 1 2 ? 21.887  9.376   7.362   1.00 64.53  ? 202 G   C N2    1 
ATOM   384 N N3    . G   C 1 2 ? 20.809  8.918   9.339   1.00 63.12  ? 202 G   C N3    1 
ATOM   385 C C4    . G   C 1 2 ? 19.598  8.617   9.852   1.00 63.03  ? 202 G   C C4    1 
ATOM   386 P P     . C   C 1 3 ? 19.506  12.898  13.708  1.00 69.71  ? 203 C   C P     1 
ATOM   387 O OP1   . C   C 1 3 ? 19.803  13.944  14.726  1.00 69.77  ? 203 C   C OP1   1 
ATOM   388 O OP2   . C   C 1 3 ? 18.100  12.618  13.324  1.00 70.35  ? 203 C   C OP2   1 
ATOM   389 O "O5'" . C   C 1 3 ? 20.305  13.217  12.370  1.00 68.62  ? 203 C   C "O5'" 1 
ATOM   390 C "C5'" . C   C 1 3 ? 21.727  13.240  12.373  1.00 66.52  ? 203 C   C "C5'" 1 
ATOM   391 C "C4'" . C   C 1 3 ? 22.263  13.368  10.966  1.00 63.86  ? 203 C   C "C4'" 1 
ATOM   392 O "O4'" . C   C 1 3 ? 21.892  12.204  10.180  1.00 61.21  ? 203 C   C "O4'" 1 
ATOM   393 C "C3'" . C   C 1 3 ? 21.760  14.523  10.118  1.00 62.96  ? 203 C   C "C3'" 1 
ATOM   394 O "O3'" . C   C 1 3 ? 22.408  15.741  10.453  1.00 65.89  ? 203 C   C "O3'" 1 
ATOM   395 C "C2'" . C   C 1 3 ? 22.178  14.045  8.742   1.00 59.71  ? 203 C   C "C2'" 1 
ATOM   396 O "O2'" . C   C 1 3 ? 23.590  14.109  8.638   1.00 60.62  ? 203 C   C "O2'" 1 
ATOM   397 C "C1'" . C   C 1 3 ? 21.765  12.576  8.823   1.00 55.68  ? 203 C   C "C1'" 1 
ATOM   398 N N1    . C   C 1 3 ? 20.379  12.340  8.416   1.00 48.84  ? 203 C   C N1    1 
ATOM   399 C C2    . C   C 1 3 ? 20.103  12.236  7.064   1.00 47.71  ? 203 C   C C2    1 
ATOM   400 O O2    . C   C 1 3 ? 21.038  12.360  6.266   1.00 51.68  ? 203 C   C O2    1 
ATOM   401 N N3    . C   C 1 3 ? 18.840  11.988  6.654   1.00 42.92  ? 203 C   C N3    1 
ATOM   402 C C4    . C   C 1 3 ? 17.875  11.839  7.550   1.00 41.02  ? 203 C   C C4    1 
ATOM   403 N N4    . C   C 1 3 ? 16.651  11.602  7.106   1.00 37.42  ? 203 C   C N4    1 
ATOM   404 C C5    . C   C 1 3 ? 18.129  11.932  8.950   1.00 43.57  ? 203 C   C C5    1 
ATOM   405 C C6    . C   C 1 3 ? 19.384  12.189  9.336   1.00 45.50  ? 203 C   C C6    1 
ATOM   406 P P     . G   C 1 4 ? 21.524  17.061  10.691  1.00 68.96  ? 204 G   C P     1 
ATOM   407 O OP1   . G   C 1 4 ? 22.458  18.186  10.974  1.00 68.07  ? 204 G   C OP1   1 
ATOM   408 O OP2   . G   C 1 4 ? 20.456  16.730  11.669  1.00 71.36  ? 204 G   C OP2   1 
ATOM   409 O "O5'" . G   C 1 4 ? 20.817  17.309  9.285   1.00 66.63  ? 204 G   C "O5'" 1 
ATOM   410 C "C5'" . G   C 1 4 ? 21.568  17.786  8.181   1.00 66.57  ? 204 G   C "C5'" 1 
ATOM   411 C "C4'" . G   C 1 4 ? 20.785  17.608  6.924   1.00 65.31  ? 204 G   C "C4'" 1 
ATOM   412 O "O4'" . G   C 1 4 ? 20.345  16.233  6.874   1.00 65.65  ? 204 G   C "O4'" 1 
ATOM   413 C "C3'" . G   C 1 4 ? 19.486  18.383  6.871   1.00 67.73  ? 204 G   C "C3'" 1 
ATOM   414 O "O3'" . G   C 1 4 ? 19.696  19.727  6.463   1.00 71.56  ? 204 G   C "O3'" 1 
ATOM   415 C "C2'" . G   C 1 4 ? 18.686  17.583  5.852   1.00 67.41  ? 204 G   C "C2'" 1 
ATOM   416 O "O2'" . G   C 1 4 ? 18.998  17.850  4.497   1.00 67.79  ? 204 G   C "O2'" 1 
ATOM   417 C "C1'" . G   C 1 4 ? 19.088  16.159  6.226   1.00 67.06  ? 204 G   C "C1'" 1 
ATOM   418 N N9    . G   C 1 4 ? 18.132  15.592  7.162   1.00 69.29  ? 204 G   C N9    1 
ATOM   419 C C8    . G   C 1 4 ? 18.223  15.565  8.533   1.00 69.75  ? 204 G   C C8    1 
ATOM   420 N N7    . G   C 1 4 ? 17.164  15.058  9.102   1.00 70.99  ? 204 G   C N7    1 
ATOM   421 C C5    . G   C 1 4 ? 16.320  14.743  8.040   1.00 70.75  ? 204 G   C C5    1 
ATOM   422 C C6    . G   C 1 4 ? 15.017  14.158  8.027   1.00 71.39  ? 204 G   C C6    1 
ATOM   423 O O6    . G   C 1 4 ? 14.332  13.763  8.982   1.00 73.46  ? 204 G   C O6    1 
ATOM   424 N N1    . G   C 1 4 ? 14.532  14.027  6.733   1.00 70.53  ? 204 G   C N1    1 
ATOM   425 C C2    . G   C 1 4 ? 15.193  14.412  5.602   1.00 69.40  ? 204 G   C C2    1 
ATOM   426 N N2    . G   C 1 4 ? 14.550  14.202  4.453   1.00 71.13  ? 204 G   C N2    1 
ATOM   427 N N3    . G   C 1 4 ? 16.396  14.954  5.596   1.00 69.94  ? 204 G   C N3    1 
ATOM   428 C C4    . G   C 1 4 ? 16.896  15.091  6.841   1.00 69.95  ? 204 G   C C4    1 
ATOM   429 P P     . A   C 1 5 ? 18.777  20.893  7.078   1.00 73.63  ? 205 A   C P     1 
ATOM   430 O OP1   . A   C 1 5 ? 19.524  21.494  8.222   1.00 72.89  ? 205 A   C OP1   1 
ATOM   431 O OP2   . A   C 1 5 ? 17.410  20.331  7.286   1.00 74.03  ? 205 A   C OP2   1 
ATOM   432 O "O5'" . A   C 1 5 ? 18.658  21.962  5.904   1.00 70.47  ? 205 A   C "O5'" 1 
ATOM   433 C "C5'" . A   C 1 5 ? 19.790  22.301  5.130   1.00 64.02  ? 205 A   C "C5'" 1 
ATOM   434 C "C4'" . A   C 1 5 ? 19.476  22.177  3.663   1.00 59.68  ? 205 A   C "C4'" 1 
ATOM   435 O "O4'" . A   C 1 5 ? 19.186  20.804  3.294   1.00 56.78  ? 205 A   C "O4'" 1 
ATOM   436 C "C3'" . A   C 1 5 ? 18.249  22.893  3.147   1.00 57.52  ? 205 A   C "C3'" 1 
ATOM   437 O "O3'" . A   C 1 5 ? 18.482  24.278  3.008   1.00 56.20  ? 205 A   C "O3'" 1 
ATOM   438 C "C2'" . A   C 1 5 ? 18.108  22.263  1.774   1.00 57.44  ? 205 A   C "C2'" 1 
ATOM   439 O "O2'" . A   C 1 5 ? 19.068  22.801  0.896   1.00 62.43  ? 205 A   C "O2'" 1 
ATOM   440 C "C1'" . A   C 1 5 ? 18.499  20.815  2.058   1.00 56.72  ? 205 A   C "C1'" 1 
ATOM   441 N N9    . A   C 1 5 ? 17.336  19.945  2.126   1.00 56.59  ? 205 A   C N9    1 
ATOM   442 C C8    . A   C 1 5 ? 16.744  19.338  3.204   1.00 57.72  ? 205 A   C C8    1 
ATOM   443 N N7    . A   C 1 5 ? 15.678  18.635  2.891   1.00 57.93  ? 205 A   C N7    1 
ATOM   444 C C5    . A   C 1 5 ? 15.560  18.800  1.520   1.00 56.23  ? 205 A   C C5    1 
ATOM   445 C C6    . A   C 1 5 ? 14.632  18.320  0.584   1.00 55.77  ? 205 A   C C6    1 
ATOM   446 N N6    . A   C 1 5 ? 13.621  17.515  0.897   1.00 56.16  ? 205 A   C N6    1 
ATOM   447 N N1    . A   C 1 5 ? 14.798  18.673  -0.709  1.00 55.62  ? 205 A   C N1    1 
ATOM   448 C C2    . A   C 1 5 ? 15.831  19.468  -1.026  1.00 55.98  ? 205 A   C C2    1 
ATOM   449 N N3    . A   C 1 5 ? 16.772  19.982  -0.236  1.00 54.75  ? 205 A   C N3    1 
ATOM   450 C C4    . A   C 1 5 ? 16.570  19.611  1.038   1.00 56.01  ? 205 A   C C4    1 
ATOM   451 P P     . G   C 1 6 ? 17.251  25.292  3.128   1.00 58.87  ? 206 G   C P     1 
ATOM   452 O OP1   . G   C 1 6 ? 17.599  26.584  2.489   1.00 60.34  ? 206 G   C OP1   1 
ATOM   453 O OP2   . G   C 1 6 ? 16.848  25.266  4.555   1.00 61.79  ? 206 G   C OP2   1 
ATOM   454 O "O5'" . G   C 1 6 ? 16.103  24.628  2.253   1.00 53.67  ? 206 G   C "O5'" 1 
ATOM   455 C "C5'" . G   C 1 6 ? 16.169  24.667  0.844   1.00 53.50  ? 206 G   C "C5'" 1 
ATOM   456 C "C4'" . G   C 1 6 ? 15.004  23.931  0.258   1.00 54.67  ? 206 G   C "C4'" 1 
ATOM   457 O "O4'" . G   C 1 6 ? 15.040  22.553  0.704   1.00 56.73  ? 206 G   C "O4'" 1 
ATOM   458 C "C3'" . G   C 1 6 ? 13.647  24.420  0.719   1.00 54.99  ? 206 G   C "C3'" 1 
ATOM   459 O "O3'" . G   C 1 6 ? 13.222  25.518  -0.060  1.00 57.49  ? 206 G   C "O3'" 1 
ATOM   460 C "C2'" . G   C 1 6 ? 12.777  23.205  0.456   1.00 54.65  ? 206 G   C "C2'" 1 
ATOM   461 O "O2'" . G   C 1 6 ? 12.444  23.067  -0.904  1.00 53.82  ? 206 G   C "O2'" 1 
ATOM   462 C "C1'" . G   C 1 6 ? 13.715  22.076  0.879   1.00 56.86  ? 206 G   C "C1'" 1 
ATOM   463 N N9    . G   C 1 6 ? 13.523  21.733  2.284   1.00 58.99  ? 206 G   C N9    1 
ATOM   464 C C8    . G   C 1 6 ? 14.377  21.986  3.329   1.00 60.24  ? 206 G   C C8    1 
ATOM   465 N N7    . G   C 1 6 ? 13.901  21.600  4.484   1.00 60.22  ? 206 G   C N7    1 
ATOM   466 C C5    . G   C 1 6 ? 12.648  21.084  4.181   1.00 58.47  ? 206 G   C C5    1 
ATOM   467 C C6    . G   C 1 6 ? 11.662  20.529  5.021   1.00 56.43  ? 206 G   C C6    1 
ATOM   468 O O6    . G   C 1 6 ? 11.699  20.365  6.235   1.00 56.91  ? 206 G   C O6    1 
ATOM   469 N N1    . G   C 1 6 ? 10.545  20.132  4.305   1.00 56.19  ? 206 G   C N1    1 
ATOM   470 C C2    . G   C 1 6 ? 10.393  20.258  2.950   1.00 57.57  ? 206 G   C C2    1 
ATOM   471 N N2    . G   C 1 6 ? 9.242   19.821  2.434   1.00 59.67  ? 206 G   C N2    1 
ATOM   472 N N3    . G   C 1 6 ? 11.297  20.787  2.156   1.00 58.57  ? 206 G   C N3    1 
ATOM   473 C C4    . G   C 1 6 ? 12.395  21.171  2.832   1.00 58.80  ? 206 G   C C4    1 
ATOM   474 P P     . C   C 1 7 ? 12.187  26.569  0.561   1.00 59.69  ? 207 C   C P     1 
ATOM   475 O OP1   . C   C 1 7 ? 11.899  27.618  -0.451  1.00 63.13  ? 207 C   C OP1   1 
ATOM   476 O OP2   . C   C 1 7 ? 12.710  26.956  1.894   1.00 59.25  ? 207 C   C OP2   1 
ATOM   477 O "O5'" . C   C 1 7 ? 10.849  25.730  0.755   1.00 58.80  ? 207 C   C "O5'" 1 
ATOM   478 C "C5'" . C   C 1 7 ? 10.141  25.234  -0.367  1.00 57.88  ? 207 C   C "C5'" 1 
ATOM   479 C "C4'" . C   C 1 7 ? 8.937   24.450  0.085   1.00 59.80  ? 207 C   C "C4'" 1 
ATOM   480 O "O4'" . C   C 1 7 ? 9.341   23.284  0.854   1.00 60.56  ? 207 C   C "O4'" 1 
ATOM   481 C "C3'" . C   C 1 7 ? 7.997   25.161  1.029   1.00 59.28  ? 207 C   C "C3'" 1 
ATOM   482 O "O3'" . C   C 1 7 ? 7.157   26.047  0.326   1.00 65.03  ? 207 C   C "O3'" 1 
ATOM   483 C "C2'" . C   C 1 7 ? 7.217   23.992  1.596   1.00 58.06  ? 207 C   C "C2'" 1 
ATOM   484 O "O2'" . C   C 1 7 ? 6.307   23.483  0.643   1.00 54.65  ? 207 C   C "O2'" 1 
ATOM   485 C "C1'" . C   C 1 7 ? 8.343   22.983  1.814   1.00 57.42  ? 207 C   C "C1'" 1 
ATOM   486 N N1    . C   C 1 7 ? 8.942   23.087  3.151   1.00 57.79  ? 207 C   C N1    1 
ATOM   487 C C2    . C   C 1 7 ? 8.205   22.650  4.256   1.00 59.41  ? 207 C   C C2    1 
ATOM   488 O O2    . C   C 1 7 ? 7.070   22.195  4.071   1.00 62.80  ? 207 C   C O2    1 
ATOM   489 N N3    . C   C 1 7 ? 8.740   22.746  5.494   1.00 58.44  ? 207 C   C N3    1 
ATOM   490 C C4    . C   C 1 7 ? 9.956   23.258  5.651   1.00 57.91  ? 207 C   C C4    1 
ATOM   491 N N4    . C   C 1 7 ? 10.444  23.330  6.887   1.00 57.72  ? 207 C   C N4    1 
ATOM   492 C C5    . C   C 1 7 ? 10.729  23.719  4.545   1.00 58.60  ? 207 C   C C5    1 
ATOM   493 C C6    . C   C 1 7 ? 10.189  23.615  3.325   1.00 58.00  ? 207 C   C C6    1 
ATOM   494 P P     . C   C 1 8 ? 6.732   27.428  1.016   1.00 70.16  ? 208 C   C P     1 
ATOM   495 O OP1   . C   C 1 8 ? 6.200   28.362  -0.020  1.00 69.63  ? 208 C   C OP1   1 
ATOM   496 O OP2   . C   C 1 8 ? 7.891   27.840  1.863   1.00 69.57  ? 208 C   C OP2   1 
ATOM   497 O "O5'" . C   C 1 8 ? 5.535   27.006  1.975   1.00 70.15  ? 208 C   C "O5'" 1 
ATOM   498 C "C5'" . C   C 1 8 ? 4.296   26.564  1.433   1.00 69.85  ? 208 C   C "C5'" 1 
ATOM   499 C "C4'" . C   C 1 8 ? 3.410   26.056  2.537   1.00 68.29  ? 208 C   C "C4'" 1 
ATOM   500 O "O4'" . C   C 1 8 ? 4.068   24.930  3.176   1.00 66.77  ? 208 C   C "O4'" 1 
ATOM   501 C "C3'" . C   C 1 8 ? 3.174   27.020  3.688   1.00 69.51  ? 208 C   C "C3'" 1 
ATOM   502 O "O3'" . C   C 1 8 ? 2.303   28.142  3.459   1.00 70.95  ? 208 C   C "O3'" 1 
ATOM   503 C "C2'" . C   C 1 8 ? 2.776   26.064  4.799   1.00 68.24  ? 208 C   C "C2'" 1 
ATOM   504 O "O2'" . C   C 1 8 ? 1.468   25.566  4.610   1.00 72.29  ? 208 C   C "O2'" 1 
ATOM   505 C "C1'" . C   C 1 8 ? 3.756   24.919  4.556   1.00 64.15  ? 208 C   C "C1'" 1 
ATOM   506 N N1    . C   C 1 8 ? 4.998   25.088  5.302   1.00 59.13  ? 208 C   C N1    1 
ATOM   507 C C2    . C   C 1 8 ? 5.048   24.626  6.602   1.00 59.02  ? 208 C   C C2    1 
ATOM   508 O O2    . C   C 1 8 ? 4.053   24.068  7.063   1.00 61.66  ? 208 C   C O2    1 
ATOM   509 N N3    . C   C 1 8 ? 6.179   24.771  7.317   1.00 56.80  ? 208 C   C N3    1 
ATOM   510 C C4    . C   C 1 8 ? 7.236   25.360  6.765   1.00 57.29  ? 208 C   C C4    1 
ATOM   511 N N4    . C   C 1 8 ? 8.339   25.467  7.496   1.00 58.48  ? 208 C   C N4    1 
ATOM   512 C C5    . C   C 1 8 ? 7.206   25.868  5.436   1.00 58.18  ? 208 C   C C5    1 
ATOM   513 C C6    . C   C 1 8 ? 6.071   25.722  4.750   1.00 57.55  ? 208 C   C C6    1 
ATOM   514 O "O5'" . G   D 1 1 ? 8.330   21.933  16.808  1.00 57.23  ? 209 G   D "O5'" 1 
ATOM   515 C "C5'" . G   D 1 1 ? 7.331   21.296  17.604  1.00 52.81  ? 209 G   D "C5'" 1 
ATOM   516 C "C4'" . G   D 1 1 ? 6.003   21.334  16.895  1.00 50.51  ? 209 G   D "C4'" 1 
ATOM   517 O "O4'" . G   D 1 1 ? 5.774   22.691  16.432  1.00 49.24  ? 209 G   D "O4'" 1 
ATOM   518 C "C3'" . G   D 1 1 ? 5.921   20.499  15.629  1.00 50.20  ? 209 G   D "C3'" 1 
ATOM   519 O "O3'" . G   D 1 1 ? 5.615   19.140  15.885  1.00 52.97  ? 209 G   D "O3'" 1 
ATOM   520 C "C2'" . G   D 1 1 ? 4.817   21.202  14.863  1.00 48.78  ? 209 G   D "C2'" 1 
ATOM   521 O "O2'" . G   D 1 1 ? 3.529   20.898  15.348  1.00 46.06  ? 209 G   D "O2'" 1 
ATOM   522 C "C1'" . G   D 1 1 ? 5.155   22.661  15.157  1.00 49.54  ? 209 G   D "C1'" 1 
ATOM   523 N N9    . G   D 1 1 ? 6.092   23.215  14.187  1.00 51.36  ? 209 G   D N9    1 
ATOM   524 C C8    . G   D 1 1 ? 7.375   23.647  14.420  1.00 51.21  ? 209 G   D C8    1 
ATOM   525 N N7    . G   D 1 1 ? 7.970   24.089  13.345  1.00 51.59  ? 209 G   D N7    1 
ATOM   526 C C5    . G   D 1 1 ? 7.017   23.950  12.346  1.00 51.79  ? 209 G   D C5    1 
ATOM   527 C C6    . G   D 1 1 ? 7.084   24.266  10.977  1.00 52.89  ? 209 G   D C6    1 
ATOM   528 O O6    . G   D 1 1 ? 8.021   24.768  10.357  1.00 56.42  ? 209 G   D O6    1 
ATOM   529 N N1    . G   D 1 1 ? 5.896   23.954  10.317  1.00 51.42  ? 209 G   D N1    1 
ATOM   530 C C2    . G   D 1 1 ? 4.795   23.389  10.908  1.00 49.73  ? 209 G   D C2    1 
ATOM   531 N N2    . G   D 1 1 ? 3.753   23.144  10.111  1.00 48.80  ? 209 G   D N2    1 
ATOM   532 N N3    . G   D 1 1 ? 4.720   23.091  12.191  1.00 50.06  ? 209 G   D N3    1 
ATOM   533 C C4    . G   D 1 1 ? 5.861   23.393  12.845  1.00 51.15  ? 209 G   D C4    1 
ATOM   534 P P     . G   D 1 2 ? 6.080   18.014  14.834  1.00 57.05  ? 210 G   D P     1 
ATOM   535 O OP1   . G   D 1 2 ? 5.659   16.698  15.377  1.00 58.39  ? 210 G   D OP1   1 
ATOM   536 O OP2   . G   D 1 2 ? 7.505   18.252  14.495  1.00 57.85  ? 210 G   D OP2   1 
ATOM   537 O "O5'" . G   D 1 2 ? 5.188   18.273  13.546  1.00 51.43  ? 210 G   D "O5'" 1 
ATOM   538 C "C5'" . G   D 1 2 ? 3.833   17.866  13.538  1.00 54.43  ? 210 G   D "C5'" 1 
ATOM   539 C "C4'" . G   D 1 2 ? 3.261   18.058  12.176  1.00 56.82  ? 210 G   D "C4'" 1 
ATOM   540 O "O4'" . G   D 1 2 ? 3.373   19.464  11.840  1.00 60.30  ? 210 G   D "O4'" 1 
ATOM   541 C "C3'" . G   D 1 2 ? 4.034   17.368  11.071  1.00 58.32  ? 210 G   D "C3'" 1 
ATOM   542 O "O3'" . G   D 1 2 ? 3.697   15.997  10.947  1.00 59.04  ? 210 G   D "O3'" 1 
ATOM   543 C "C2'" . G   D 1 2 ? 3.644   18.209  9.867   1.00 58.84  ? 210 G   D "C2'" 1 
ATOM   544 O "O2'" . G   D 1 2 ? 2.316   17.978  9.435   1.00 61.85  ? 210 G   D "O2'" 1 
ATOM   545 C "C1'" . G   D 1 2 ? 3.728   19.607  10.472  1.00 58.24  ? 210 G   D "C1'" 1 
ATOM   546 N N9    . G   D 1 2 ? 5.081   20.146  10.412  1.00 55.87  ? 210 G   D N9    1 
ATOM   547 C C8    . G   D 1 2 ? 5.982   20.245  11.447  1.00 54.59  ? 210 G   D C8    1 
ATOM   548 N N7    . G   D 1 2 ? 7.127   20.750  11.079  1.00 54.43  ? 210 G   D N7    1 
ATOM   549 C C5    . G   D 1 2 ? 6.984   20.963  9.715   1.00 55.97  ? 210 G   D C5    1 
ATOM   550 C C6    . G   D 1 2 ? 7.903   21.484  8.760   1.00 56.83  ? 210 G   D C6    1 
ATOM   551 O O6    . G   D 1 2 ? 9.065   21.878  8.945   1.00 56.60  ? 210 G   D O6    1 
ATOM   552 N N1    . G   D 1 2 ? 7.340   21.542  7.485   1.00 55.89  ? 210 G   D N1    1 
ATOM   553 C C2    . G   D 1 2 ? 6.062   21.143  7.167   1.00 55.45  ? 210 G   D C2    1 
ATOM   554 N N2    . G   D 1 2 ? 5.696   21.278  5.891   1.00 52.49  ? 210 G   D N2    1 
ATOM   555 N N3    . G   D 1 2 ? 5.203   20.647  8.045   1.00 55.76  ? 210 G   D N3    1 
ATOM   556 C C4    . G   D 1 2 ? 5.726   20.592  9.290   1.00 55.36  ? 210 G   D C4    1 
ATOM   557 P P     . C   D 1 3 ? 4.840   14.948  10.547  1.00 60.66  ? 211 C   D P     1 
ATOM   558 O OP1   . C   D 1 3 ? 4.317   13.571  10.712  1.00 62.90  ? 211 C   D OP1   1 
ATOM   559 O OP2   . C   D 1 3 ? 6.070   15.350  11.280  1.00 60.38  ? 211 C   D OP2   1 
ATOM   560 O "O5'" . C   D 1 3 ? 5.004   15.226  8.990   1.00 60.25  ? 211 C   D "O5'" 1 
ATOM   561 C "C5'" . C   D 1 3 ? 3.855   15.220  8.150   1.00 60.22  ? 211 C   D "C5'" 1 
ATOM   562 C "C4'" . C   D 1 3 ? 4.176   15.810  6.798   1.00 62.12  ? 211 C   D "C4'" 1 
ATOM   563 O "O4'" . C   D 1 3 ? 4.616   17.183  6.948   1.00 64.68  ? 211 C   D "O4'" 1 
ATOM   564 C "C3'" . C   D 1 3 ? 5.303   15.192  6.000   1.00 61.88  ? 211 C   D "C3'" 1 
ATOM   565 O "O3'" . C   D 1 3 ? 4.893   14.008  5.354   1.00 64.99  ? 211 C   D "O3'" 1 
ATOM   566 C "C2'" . C   D 1 3 ? 5.586   16.291  4.994   1.00 61.47  ? 211 C   D "C2'" 1 
ATOM   567 O "O2'" . C   D 1 3 ? 4.586   16.361  3.999   1.00 61.51  ? 211 C   D "O2'" 1 
ATOM   568 C "C1'" . C   D 1 3 ? 5.494   17.520  5.889   1.00 61.23  ? 211 C   D "C1'" 1 
ATOM   569 N N1    . C   D 1 3 ? 6.791   17.857  6.473   1.00 59.17  ? 211 C   D N1    1 
ATOM   570 C C2    . C   D 1 3 ? 7.672   18.604  5.727   1.00 59.22  ? 211 C   D C2    1 
ATOM   571 O O2    . C   D 1 3 ? 7.308   18.995  4.612   1.00 59.59  ? 211 C   D O2    1 
ATOM   572 N N3    . C   D 1 3 ? 8.887   18.908  6.240   1.00 59.73  ? 211 C   D N3    1 
ATOM   573 C C4    . C   D 1 3 ? 9.227   18.458  7.447   1.00 59.96  ? 211 C   D C4    1 
ATOM   574 N N4    . C   D 1 3 ? 10.432  18.766  7.921   1.00 61.17  ? 211 C   D N4    1 
ATOM   575 C C5    . C   D 1 3 ? 8.348   17.661  8.222   1.00 61.14  ? 211 C   D C5    1 
ATOM   576 C C6    . C   D 1 3 ? 7.152   17.380  7.698   1.00 59.82  ? 211 C   D C6    1 
ATOM   577 P P     . G   D 1 4 ? 5.954   12.830  5.142   1.00 68.70  ? 212 G   D P     1 
ATOM   578 O OP1   . G   D 1 4 ? 5.358   11.859  4.187   1.00 69.64  ? 212 G   D OP1   1 
ATOM   579 O OP2   . G   D 1 4 ? 6.416   12.361  6.484   1.00 64.31  ? 212 G   D OP2   1 
ATOM   580 O "O5'" . G   D 1 4 ? 7.166   13.575  4.423   1.00 68.51  ? 212 G   D "O5'" 1 
ATOM   581 C "C5'" . G   D 1 4 ? 7.000   14.174  3.138   1.00 66.68  ? 212 G   D "C5'" 1 
ATOM   582 C "C4'" . G   D 1 4 ? 8.310   14.756  2.659   1.00 65.24  ? 212 G   D "C4'" 1 
ATOM   583 O "O4'" . G   D 1 4 ? 8.694   15.878  3.497   1.00 65.69  ? 212 G   D "O4'" 1 
ATOM   584 C "C3'" . G   D 1 4 ? 9.504   13.821  2.725   1.00 65.39  ? 212 G   D "C3'" 1 
ATOM   585 O "O3'" . G   D 1 4 ? 9.533   12.961  1.587   1.00 61.98  ? 212 G   D "O3'" 1 
ATOM   586 C "C2'" . G   D 1 4 ? 10.672  14.799  2.744   1.00 65.74  ? 212 G   D "C2'" 1 
ATOM   587 O "O2'" . G   D 1 4 ? 10.962  15.287  1.453   1.00 69.11  ? 212 G   D "O2'" 1 
ATOM   588 C "C1'" . G   D 1 4 ? 10.106  15.942  3.590   1.00 66.25  ? 212 G   D "C1'" 1 
ATOM   589 N N9    . G   D 1 4 ? 10.477  15.884  4.999   1.00 67.62  ? 212 G   D N9    1 
ATOM   590 C C8    . G   D 1 4 ? 9.780   15.267  6.005   1.00 68.32  ? 212 G   D C8    1 
ATOM   591 N N7    . G   D 1 4 ? 10.350  15.388  7.171   1.00 68.19  ? 212 G   D N7    1 
ATOM   592 C C5    . G   D 1 4 ? 11.494  16.124  6.918   1.00 69.48  ? 212 G   D C5    1 
ATOM   593 C C6    . G   D 1 4 ? 12.498  16.569  7.797   1.00 72.30  ? 212 G   D C6    1 
ATOM   594 O O6    . G   D 1 4 ? 12.579  16.395  9.012   1.00 78.70  ? 212 G   D O6    1 
ATOM   595 N N1    . G   D 1 4 ? 13.482  17.291  7.135   1.00 71.91  ? 212 G   D N1    1 
ATOM   596 C C2    . G   D 1 4 ? 13.487  17.562  5.797   1.00 72.48  ? 212 G   D C2    1 
ATOM   597 N N2    . G   D 1 4 ? 14.522  18.288  5.357   1.00 75.22  ? 212 G   D N2    1 
ATOM   598 N N3    . G   D 1 4 ? 12.545  17.158  4.958   1.00 71.87  ? 212 G   D N3    1 
ATOM   599 C C4    . G   D 1 4 ? 11.583  16.450  5.586   1.00 69.31  ? 212 G   D C4    1 
ATOM   600 P P     . A   D 1 5 ? 10.635  11.794  1.499   1.00 58.97  ? 213 A   D P     1 
ATOM   601 O OP1   . A   D 1 5 ? 9.950   10.524  1.168   1.00 57.84  ? 213 A   D OP1   1 
ATOM   602 O OP2   . A   D 1 5 ? 11.485  11.874  2.721   1.00 57.28  ? 213 A   D OP2   1 
ATOM   603 O "O5'" . A   D 1 5 ? 11.524  12.232  0.250   1.00 57.23  ? 213 A   D "O5'" 1 
ATOM   604 C "C5'" . A   D 1 5 ? 10.921  12.684  -0.966  1.00 51.46  ? 213 A   D "C5'" 1 
ATOM   605 C "C4'" . A   D 1 5 ? 11.963  13.323  -1.862  1.00 48.61  ? 213 A   D "C4'" 1 
ATOM   606 O "O4'" . A   D 1 5 ? 12.366  14.613  -1.344  1.00 48.05  ? 213 A   D "O4'" 1 
ATOM   607 C "C3'" . A   D 1 5 ? 13.263  12.561  -1.997  1.00 48.67  ? 213 A   D "C3'" 1 
ATOM   608 O "O3'" . A   D 1 5 ? 13.128  11.580  -3.000  1.00 51.73  ? 213 A   D "O3'" 1 
ATOM   609 C "C2'" . A   D 1 5 ? 14.227  13.652  -2.426  1.00 45.76  ? 213 A   D "C2'" 1 
ATOM   610 O "O2'" . A   D 1 5 ? 14.058  13.996  -3.774  1.00 50.22  ? 213 A   D "O2'" 1 
ATOM   611 C "C1'" . A   D 1 5 ? 13.744  14.818  -1.580  1.00 43.20  ? 213 A   D "C1'" 1 
ATOM   612 N N9    . A   D 1 5 ? 14.401  14.839  -0.291  1.00 40.51  ? 213 A   D N9    1 
ATOM   613 C C8    . A   D 1 5 ? 13.956  14.269  0.865   1.00 42.18  ? 213 A   D C8    1 
ATOM   614 N N7    . A   D 1 5 ? 14.768  14.424  1.875   1.00 44.05  ? 213 A   D N7    1 
ATOM   615 C C5    . A   D 1 5 ? 15.813  15.157  1.346   1.00 41.70  ? 213 A   D C5    1 
ATOM   616 C C6    . A   D 1 5 ? 16.985  15.642  1.907   1.00 42.80  ? 213 A   D C6    1 
ATOM   617 N N6    . A   D 1 5 ? 17.298  15.485  3.189   1.00 44.40  ? 213 A   D N6    1 
ATOM   618 N N1    . A   D 1 5 ? 17.826  16.330  1.109   1.00 45.05  ? 213 A   D N1    1 
ATOM   619 C C2    . A   D 1 5 ? 17.495  16.493  -0.172  1.00 43.74  ? 213 A   D C2    1 
ATOM   620 N N3    . A   D 1 5 ? 16.416  16.072  -0.819  1.00 42.10  ? 213 A   D N3    1 
ATOM   621 C C4    . A   D 1 5 ? 15.611  15.396  0.007   1.00 41.22  ? 213 A   D C4    1 
ATOM   622 P P     . G   D 1 6 ? 13.784  10.138  -2.786  1.00 53.90  ? 214 G   D P     1 
ATOM   623 O OP1   . G   D 1 6 ? 13.607  9.444   -4.090  1.00 52.40  ? 214 G   D OP1   1 
ATOM   624 O OP2   . G   D 1 6 ? 13.241  9.531   -1.540  1.00 54.04  ? 214 G   D OP2   1 
ATOM   625 O "O5'" . G   D 1 6 ? 15.323  10.452  -2.519  1.00 50.68  ? 214 G   D "O5'" 1 
ATOM   626 C "C5'" . G   D 1 6 ? 16.097  11.147  -3.483  1.00 49.13  ? 214 G   D "C5'" 1 
ATOM   627 C "C4'" . G   D 1 6 ? 17.389  11.596  -2.869  1.00 46.54  ? 214 G   D "C4'" 1 
ATOM   628 O "O4'" . G   D 1 6 ? 17.120  12.616  -1.879  1.00 49.11  ? 214 G   D "O4'" 1 
ATOM   629 C "C3'" . G   D 1 6 ? 18.107  10.516  -2.092  1.00 44.91  ? 214 G   D "C3'" 1 
ATOM   630 O "O3'" . G   D 1 6 ? 18.868  9.697   -2.954  1.00 44.54  ? 214 G   D "O3'" 1 
ATOM   631 C "C2'" . G   D 1 6 ? 18.969  11.328  -1.144  1.00 44.59  ? 214 G   D "C2'" 1 
ATOM   632 O "O2'" . G   D 1 6 ? 20.109  11.858  -1.767  1.00 41.62  ? 214 G   D "O2'" 1 
ATOM   633 C "C1'" . G   D 1 6 ? 18.013  12.467  -0.789  1.00 49.25  ? 214 G   D "C1'" 1 
ATOM   634 N N9    . G   D 1 6 ? 17.234  12.179  0.412   1.00 53.53  ? 214 G   D N9    1 
ATOM   635 C C8    . G   D 1 6 ? 15.927  11.750  0.480   1.00 53.72  ? 214 G   D C8    1 
ATOM   636 N N7    . G   D 1 6 ? 15.527  11.520  1.704   1.00 54.07  ? 214 G   D N7    1 
ATOM   637 C C5    . G   D 1 6 ? 16.644  11.793  2.487   1.00 54.36  ? 214 G   D C5    1 
ATOM   638 C C6    . G   D 1 6 ? 16.824  11.718  3.894   1.00 55.14  ? 214 G   D C6    1 
ATOM   639 O O6    . G   D 1 6 ? 15.998  11.416  4.759   1.00 57.57  ? 214 G   D O6    1 
ATOM   640 N N1    . G   D 1 6 ? 18.117  12.075  4.263   1.00 52.62  ? 214 G   D N1    1 
ATOM   641 C C2    . G   D 1 6 ? 19.109  12.449  3.394   1.00 50.27  ? 214 G   D C2    1 
ATOM   642 N N2    . G   D 1 6 ? 20.275  12.762  3.939   1.00 50.69  ? 214 G   D N2    1 
ATOM   643 N N3    . G   D 1 6 ? 18.956  12.530  2.087   1.00 51.64  ? 214 G   D N3    1 
ATOM   644 C C4    . G   D 1 6 ? 17.708  12.188  1.704   1.00 53.74  ? 214 G   D C4    1 
ATOM   645 P P     . C   D 1 7 ? 19.234  8.204   -2.503  1.00 46.57  ? 215 C   D P     1 
ATOM   646 O OP1   . C   D 1 7 ? 20.106  7.633   -3.549  1.00 48.58  ? 215 C   D OP1   1 
ATOM   647 O OP2   . C   D 1 7 ? 17.943  7.532   -2.182  1.00 47.23  ? 215 C   D OP2   1 
ATOM   648 O "O5'" . C   D 1 7 ? 20.152  8.426   -1.222  1.00 38.29  ? 215 C   D "O5'" 1 
ATOM   649 C "C5'" . C   D 1 7 ? 21.399  9.045   -1.396  1.00 39.46  ? 215 C   D "C5'" 1 
ATOM   650 C "C4'" . C   D 1 7 ? 22.179  9.040   -0.126  1.00 43.95  ? 215 C   D "C4'" 1 
ATOM   651 O "O4'" . C   D 1 7 ? 21.636  9.985   0.820   1.00 46.55  ? 215 C   D "O4'" 1 
ATOM   652 C "C3'" . C   D 1 7 ? 22.205  7.744   0.634   1.00 44.43  ? 215 C   D "C3'" 1 
ATOM   653 O "O3'" . C   D 1 7 ? 23.101  6.843   0.044   1.00 46.77  ? 215 C   D "O3'" 1 
ATOM   654 C "C2'" . C   D 1 7 ? 22.652  8.209   2.008   1.00 44.82  ? 215 C   D "C2'" 1 
ATOM   655 O "O2'" . C   D 1 7 ? 24.041  8.412   2.110   1.00 42.23  ? 215 C   D "O2'" 1 
ATOM   656 C "C1'" . C   D 1 7 ? 21.884  9.527   2.137   1.00 46.66  ? 215 C   D "C1'" 1 
ATOM   657 N N1    . C   D 1 7 ? 20.585  9.284   2.766   1.00 50.70  ? 215 C   D N1    1 
ATOM   658 C C2    . C   D 1 7 ? 20.527  9.178   4.150   1.00 52.92  ? 215 C   D C2    1 
ATOM   659 O O2    . C   D 1 7 ? 21.548  9.424   4.807   1.00 54.25  ? 215 C   D O2    1 
ATOM   660 N N3    . C   D 1 7 ? 19.363  8.833   4.739   1.00 54.50  ? 215 C   D N3    1 
ATOM   661 C C4    . C   D 1 7 ? 18.290  8.585   3.989   1.00 56.68  ? 215 C   D C4    1 
ATOM   662 N N4    . C   D 1 7 ? 17.155  8.265   4.606   1.00 61.51  ? 215 C   D N4    1 
ATOM   663 C C5    . C   D 1 7 ? 18.326  8.670   2.569   1.00 55.02  ? 215 C   D C5    1 
ATOM   664 C C6    . C   D 1 7 ? 19.490  8.994   2.003   1.00 51.30  ? 215 C   D C6    1 
ATOM   665 P P     . C   D 1 8 ? 22.883  5.284   0.274   1.00 52.25  ? 216 C   D P     1 
ATOM   666 O OP1   . C   D 1 8 ? 24.065  4.552   -0.246  1.00 55.96  ? 216 C   D OP1   1 
ATOM   667 O OP2   . C   D 1 8 ? 21.525  4.922   -0.212  1.00 50.74  ? 216 C   D OP2   1 
ATOM   668 O "O5'" . C   D 1 8 ? 22.877  5.197   1.858   1.00 52.93  ? 216 C   D "O5'" 1 
ATOM   669 C "C5'" . C   D 1 8 ? 23.758  4.327   2.553   1.00 59.29  ? 216 C   D "C5'" 1 
ATOM   670 C "C4'" . C   D 1 8 ? 24.220  4.991   3.817   1.00 60.36  ? 216 C   D "C4'" 1 
ATOM   671 O "O4'" . C   D 1 8 ? 23.307  6.070   4.121   1.00 60.85  ? 216 C   D "O4'" 1 
ATOM   672 C "C3'" . C   D 1 8 ? 24.200  4.065   5.018   1.00 62.25  ? 216 C   D "C3'" 1 
ATOM   673 O "O3'" . C   D 1 8 ? 25.442  3.371   5.117   1.00 64.83  ? 216 C   D "O3'" 1 
ATOM   674 C "C2'" . C   D 1 8 ? 23.826  4.999   6.160   1.00 61.67  ? 216 C   D "C2'" 1 
ATOM   675 O "O2'" . C   D 1 8 ? 24.922  5.757   6.630   1.00 63.58  ? 216 C   D "O2'" 1 
ATOM   676 C "C1'" . C   D 1 8 ? 22.860  5.948   5.456   1.00 60.66  ? 216 C   D "C1'" 1 
ATOM   677 N N1    . C   D 1 8 ? 21.451  5.540   5.416   1.00 58.53  ? 216 C   D N1    1 
ATOM   678 C C2    . C   D 1 8 ? 20.697  5.661   6.559   1.00 57.77  ? 216 C   D C2    1 
ATOM   679 O O2    . C   D 1 8 ? 21.265  5.952   7.609   1.00 58.34  ? 216 C   D O2    1 
ATOM   680 N N3    . C   D 1 8 ? 19.368  5.427   6.504   1.00 59.76  ? 216 C   D N3    1 
ATOM   681 C C4    . C   D 1 8 ? 18.794  5.122   5.339   1.00 60.13  ? 216 C   D C4    1 
ATOM   682 N N4    . C   D 1 8 ? 17.479  4.878   5.325   1.00 61.03  ? 216 C   D N4    1 
ATOM   683 C C5    . C   D 1 8 ? 19.538  5.042   4.140   1.00 60.37  ? 216 C   D C5    1 
ATOM   684 C C6    . C   D 1 8 ? 20.848  5.281   4.218   1.00 60.00  ? 216 C   D C6    1 
ATOM   685 O "O5'" . G   E 1 1 ? -18.821 10.035  5.191   1.00 68.21  ? 301 G   E "O5'" 1 
ATOM   686 C "C5'" . G   E 1 1 ? -18.362 11.021  4.256   1.00 66.26  ? 301 G   E "C5'" 1 
ATOM   687 C "C4'" . G   E 1 1 ? -19.407 12.076  3.979   1.00 64.59  ? 301 G   E "C4'" 1 
ATOM   688 O "O4'" . G   E 1 1 ? -20.598 11.426  3.454   1.00 63.18  ? 301 G   E "O4'" 1 
ATOM   689 C "C3'" . G   E 1 1 ? -19.899 12.838  5.202   1.00 65.52  ? 301 G   E "C3'" 1 
ATOM   690 O "O3'" . G   E 1 1 ? -19.082 13.958  5.527   1.00 69.53  ? 301 G   E "O3'" 1 
ATOM   691 C "C2'" . G   E 1 1 ? -21.279 13.270  4.753   1.00 64.31  ? 301 G   E "C2'" 1 
ATOM   692 O "O2'" . G   E 1 1 ? -21.204 14.353  3.850   1.00 61.75  ? 301 G   E "O2'" 1 
ATOM   693 C "C1'" . G   E 1 1 ? -21.753 12.004  4.040   1.00 63.69  ? 301 G   E "C1'" 1 
ATOM   694 N N9    . G   E 1 1 ? -22.323 11.031  4.970   1.00 62.36  ? 301 G   E N9    1 
ATOM   695 C C8    . G   E 1 1 ? -21.740 9.864   5.402   1.00 62.36  ? 301 G   E C8    1 
ATOM   696 N N7    . G   E 1 1 ? -22.479 9.201   6.250   1.00 61.94  ? 301 G   E N7    1 
ATOM   697 C C5    . G   E 1 1 ? -23.612 9.988   6.405   1.00 61.26  ? 301 G   E C5    1 
ATOM   698 C C6    . G   E 1 1 ? -24.761 9.788   7.210   1.00 60.10  ? 301 G   E C6    1 
ATOM   699 O O6    . G   E 1 1 ? -25.015 8.845   7.963   1.00 59.03  ? 301 G   E O6    1 
ATOM   700 N N1    . G   E 1 1 ? -25.670 10.833  7.072   1.00 61.31  ? 301 G   E N1    1 
ATOM   701 C C2    . G   E 1 1 ? -25.492 11.937  6.267   1.00 63.21  ? 301 G   E C2    1 
ATOM   702 N N2    . G   E 1 1 ? -26.486 12.850  6.267   1.00 62.96  ? 301 G   E N2    1 
ATOM   703 N N3    . G   E 1 1 ? -24.421 12.133  5.510   1.00 62.57  ? 301 G   E N3    1 
ATOM   704 C C4    . G   E 1 1 ? -23.528 11.127  5.630   1.00 61.93  ? 301 G   E C4    1 
ATOM   705 P P     . G   E 1 2 ? -19.057 14.516  7.040   1.00 71.42  ? 302 G   E P     1 
ATOM   706 O OP1   . G   E 1 2 ? -18.210 15.731  7.061   1.00 70.19  ? 302 G   E OP1   1 
ATOM   707 O OP2   . G   E 1 2 ? -18.749 13.387  7.966   1.00 70.93  ? 302 G   E OP2   1 
ATOM   708 O "O5'" . G   E 1 2 ? -20.557 14.988  7.292   1.00 71.68  ? 302 G   E "O5'" 1 
ATOM   709 C "C5'" . G   E 1 2 ? -21.121 16.039  6.516   1.00 73.79  ? 302 G   E "C5'" 1 
ATOM   710 C "C4'" . G   E 1 2 ? -22.443 16.470  7.104   1.00 75.01  ? 302 G   E "C4'" 1 
ATOM   711 O "O4'" . G   E 1 2 ? -23.469 15.462  6.876   1.00 74.75  ? 302 G   E "O4'" 1 
ATOM   712 C "C3'" . G   E 1 2 ? -22.435 16.657  8.607   1.00 74.47  ? 302 G   E "C3'" 1 
ATOM   713 O "O3'" . G   E 1 2 ? -21.900 17.923  8.952   1.00 76.16  ? 302 G   E "O3'" 1 
ATOM   714 C "C2'" . G   E 1 2 ? -23.909 16.518  8.941   1.00 73.50  ? 302 G   E "C2'" 1 
ATOM   715 O "O2'" . G   E 1 2 ? -24.637 17.681  8.607   1.00 73.74  ? 302 G   E "O2'" 1 
ATOM   716 C "C1'" . G   E 1 2 ? -24.310 15.372  8.011   1.00 71.46  ? 302 G   E "C1'" 1 
ATOM   717 N N9    . G   E 1 2 ? -24.085 14.066  8.613   1.00 68.98  ? 302 G   E N9    1 
ATOM   718 C C8    . G   E 1 2 ? -22.976 13.275  8.464   1.00 67.19  ? 302 G   E C8    1 
ATOM   719 N N7    . G   E 1 2 ? -23.056 12.153  9.122   1.00 68.34  ? 302 G   E N7    1 
ATOM   720 C C5    . G   E 1 2 ? -24.291 12.212  9.752   1.00 69.39  ? 302 G   E C5    1 
ATOM   721 C C6    . G   E 1 2 ? -24.929 11.283  10.618  1.00 69.58  ? 302 G   E C6    1 
ATOM   722 O O6    . G   E 1 2 ? -24.515 10.191  11.011  1.00 69.61  ? 302 G   E O6    1 
ATOM   723 N N1    . G   E 1 2 ? -26.172 11.740  11.034  1.00 69.39  ? 302 G   E N1    1 
ATOM   724 C C2    . G   E 1 2 ? -26.728 12.940  10.671  1.00 71.47  ? 302 G   E C2    1 
ATOM   725 N N2    . G   E 1 2 ? -27.941 13.206  11.177  1.00 73.60  ? 302 G   E N2    1 
ATOM   726 N N3    . G   E 1 2 ? -26.144 13.817  9.866   1.00 71.19  ? 302 G   E N3    1 
ATOM   727 C C4    . G   E 1 2 ? -24.936 13.390  9.450   1.00 69.45  ? 302 G   E C4    1 
ATOM   728 P P     . C   E 1 3 ? -21.076 18.073  10.313  1.00 75.10  ? 303 C   E P     1 
ATOM   729 O OP1   . C   E 1 3 ? -20.414 19.399  10.348  1.00 75.54  ? 303 C   E OP1   1 
ATOM   730 O OP2   . C   E 1 3 ? -20.266 16.842  10.424  1.00 75.56  ? 303 C   E OP2   1 
ATOM   731 O "O5'" . C   E 1 3 ? -22.229 18.055  11.399  1.00 76.36  ? 303 C   E "O5'" 1 
ATOM   732 C "C5'" . C   E 1 3 ? -23.334 18.932  11.251  1.00 80.34  ? 303 C   E "C5'" 1 
ATOM   733 C "C4'" . C   E 1 3 ? -24.496 18.452  12.071  1.00 83.19  ? 303 C   E "C4'" 1 
ATOM   734 O "O4'" . C   E 1 3 ? -24.908 17.138  11.612  1.00 83.60  ? 303 C   E "O4'" 1 
ATOM   735 C "C3'" . C   E 1 3 ? -24.220 18.224  13.544  1.00 85.03  ? 303 C   E "C3'" 1 
ATOM   736 O "O3'" . C   E 1 3 ? -24.206 19.431  14.288  1.00 87.19  ? 303 C   E "O3'" 1 
ATOM   737 C "C2'" . C   E 1 3 ? -25.373 17.313  13.932  1.00 84.80  ? 303 C   E "C2'" 1 
ATOM   738 O "O2'" . C   E 1 3 ? -26.598 17.985  14.178  1.00 85.18  ? 303 C   E "O2'" 1 
ATOM   739 C "C1'" . C   E 1 3 ? -25.462 16.414  12.700  1.00 82.82  ? 303 C   E "C1'" 1 
ATOM   740 N N1    . C   E 1 3 ? -24.701 15.172  12.881  1.00 79.53  ? 303 C   E N1    1 
ATOM   741 C C2    . C   E 1 3 ? -25.190 14.233  13.771  1.00 77.64  ? 303 C   E C2    1 
ATOM   742 O O2    . C   E 1 3 ? -26.238 14.484  14.369  1.00 77.81  ? 303 C   E O2    1 
ATOM   743 N N3    . C   E 1 3 ? -24.515 13.085  13.964  1.00 76.05  ? 303 C   E N3    1 
ATOM   744 C C4    . C   E 1 3 ? -23.388 12.861  13.298  1.00 76.10  ? 303 C   E C4    1 
ATOM   745 N N4    . C   E 1 3 ? -22.757 11.715  13.518  1.00 76.10  ? 303 C   E N4    1 
ATOM   746 C C5    . C   E 1 3 ? -22.849 13.814  12.390  1.00 77.75  ? 303 C   E C5    1 
ATOM   747 C C6    . C   E 1 3 ? -23.529 14.950  12.217  1.00 78.76  ? 303 C   E C6    1 
ATOM   748 P P     . G   E 1 4 ? -23.257 19.541  15.573  1.00 89.36  ? 304 G   E P     1 
ATOM   749 O OP1   . G   E 1 4 ? -23.277 20.956  16.031  1.00 90.31  ? 304 G   E OP1   1 
ATOM   750 O OP2   . G   E 1 4 ? -21.963 18.881  15.250  1.00 87.55  ? 304 G   E OP2   1 
ATOM   751 O "O5'" . G   E 1 4 ? -23.987 18.635  16.660  1.00 90.92  ? 304 G   E "O5'" 1 
ATOM   752 C "C5'" . G   E 1 4 ? -23.263 18.062  17.746  1.00 90.75  ? 304 G   E "C5'" 1 
ATOM   753 C "C4'" . G   E 1 4 ? -23.888 16.751  18.142  1.00 90.60  ? 304 G   E "C4'" 1 
ATOM   754 O "O4'" . G   E 1 4 ? -23.981 15.896  16.977  1.00 90.50  ? 304 G   E "O4'" 1 
ATOM   755 C "C3'" . G   E 1 4 ? -23.128 15.942  19.164  1.00 92.33  ? 304 G   E "C3'" 1 
ATOM   756 O "O3'" . G   E 1 4 ? -23.577 16.347  20.445  1.00 94.23  ? 304 G   E "O3'" 1 
ATOM   757 C "C2'" . G   E 1 4 ? -23.572 14.523  18.844  1.00 92.31  ? 304 G   E "C2'" 1 
ATOM   758 O "O2'" . G   E 1 4 ? -24.872 14.273  19.345  1.00 93.49  ? 304 G   E "O2'" 1 
ATOM   759 C "C1'" . G   E 1 4 ? -23.661 14.571  17.319  1.00 91.67  ? 304 G   E "C1'" 1 
ATOM   760 N N9    . G   E 1 4 ? -22.450 14.242  16.583  1.00 91.69  ? 304 G   E N9    1 
ATOM   761 C C8    . G   E 1 4 ? -21.732 15.114  15.796  1.00 93.24  ? 304 G   E C8    1 
ATOM   762 N N7    . G   E 1 4 ? -20.747 14.543  15.161  1.00 92.50  ? 304 G   E N7    1 
ATOM   763 C C5    . G   E 1 4 ? -20.840 13.207  15.524  1.00 91.44  ? 304 G   E C5    1 
ATOM   764 C C6    . G   E 1 4 ? -20.048 12.104  15.135  1.00 91.59  ? 304 G   E C6    1 
ATOM   765 O O6    . G   E 1 4 ? -19.052 12.093  14.388  1.00 91.74  ? 304 G   E O6    1 
ATOM   766 N N1    . G   E 1 4 ? -20.485 10.926  15.744  1.00 90.51  ? 304 G   E N1    1 
ATOM   767 C C2    . G   E 1 4 ? -21.557 10.826  16.597  1.00 87.57  ? 304 G   E C2    1 
ATOM   768 N N2    . G   E 1 4 ? -21.815 9.602   17.063  1.00 86.42  ? 304 G   E N2    1 
ATOM   769 N N3    . G   E 1 4 ? -22.317 11.848  16.953  1.00 87.18  ? 304 G   E N3    1 
ATOM   770 C C4    . G   E 1 4 ? -21.904 13.000  16.384  1.00 90.37  ? 304 G   E C4    1 
ATOM   771 P P     . A   E 1 5 ? -22.516 16.537  21.632  1.00 97.83  ? 305 A   E P     1 
ATOM   772 O OP1   . A   E 1 5 ? -22.402 17.995  21.923  1.00 94.85  ? 305 A   E OP1   1 
ATOM   773 O OP2   . A   E 1 5 ? -21.297 15.756  21.265  1.00 97.14  ? 305 A   E OP2   1 
ATOM   774 O "O5'" . A   E 1 5 ? -23.230 15.820  22.862  1.00 95.01  ? 305 A   E "O5'" 1 
ATOM   775 C "C5'" . A   E 1 5 ? -24.554 16.189  23.255  1.00 92.92  ? 305 A   E "C5'" 1 
ATOM   776 C "C4'" . A   E 1 5 ? -25.191 15.067  24.038  1.00 89.98  ? 305 A   E "C4'" 1 
ATOM   777 O "O4'" . A   E 1 5 ? -25.535 13.967  23.153  1.00 89.53  ? 305 A   E "O4'" 1 
ATOM   778 C "C3'" . A   E 1 5 ? -24.276 14.454  25.081  1.00 88.12  ? 305 A   E "C3'" 1 
ATOM   779 O "O3'" . A   E 1 5 ? -24.321 15.198  26.286  1.00 87.78  ? 305 A   E "O3'" 1 
ATOM   780 C "C2'" . A   E 1 5 ? -24.832 13.048  25.223  1.00 87.11  ? 305 A   E "C2'" 1 
ATOM   781 O "O2'" . A   E 1 5 ? -25.975 12.998  26.045  1.00 85.35  ? 305 A   E "O2'" 1 
ATOM   782 C "C1'" . A   E 1 5 ? -25.196 12.735  23.771  1.00 87.93  ? 305 A   E "C1'" 1 
ATOM   783 N N9    . A   E 1 5 ? -24.067 12.182  23.037  1.00 87.75  ? 305 A   E N9    1 
ATOM   784 C C8    . A   E 1 5 ? -23.297 12.823  22.100  1.00 87.06  ? 305 A   E C8    1 
ATOM   785 N N7    . A   E 1 5 ? -22.331 12.085  21.616  1.00 88.68  ? 305 A   E N7    1 
ATOM   786 C C5    . A   E 1 5 ? -22.466 10.877  22.287  1.00 87.93  ? 305 A   E C5    1 
ATOM   787 C C6    . A   E 1 5 ? -21.737 9.678   22.228  1.00 87.66  ? 305 A   E C6    1 
ATOM   788 N N6    . A   E 1 5 ? -20.687 9.491   21.423  1.00 86.23  ? 305 A   E N6    1 
ATOM   789 N N1    . A   E 1 5 ? -22.131 8.663   23.029  1.00 87.96  ? 305 A   E N1    1 
ATOM   790 C C2    . A   E 1 5 ? -23.181 8.858   23.842  1.00 88.82  ? 305 A   E C2    1 
ATOM   791 N N3    . A   E 1 5 ? -23.940 9.946   23.994  1.00 88.59  ? 305 A   E N3    1 
ATOM   792 C C4    . A   E 1 5 ? -23.524 10.929  23.176  1.00 88.07  ? 305 A   E C4    1 
ATOM   793 P P     . G   E 1 6 ? -22.948 15.658  26.975  1.00 88.60  ? 306 G   E P     1 
ATOM   794 O OP1   . G   E 1 6 ? -23.255 16.311  28.268  1.00 88.89  ? 306 G   E OP1   1 
ATOM   795 O OP2   . G   E 1 6 ? -22.153 16.393  25.954  1.00 89.82  ? 306 G   E OP2   1 
ATOM   796 O "O5'" . G   E 1 6 ? -22.226 14.275  27.262  1.00 84.11  ? 306 G   E "O5'" 1 
ATOM   797 C "C5'" . G   E 1 6 ? -22.875 13.275  28.025  1.00 81.31  ? 306 G   E "C5'" 1 
ATOM   798 C "C4'" . G   E 1 6 ? -22.129 11.982  27.901  1.00 81.92  ? 306 G   E "C4'" 1 
ATOM   799 O "O4'" . G   E 1 6 ? -22.234 11.500  26.535  1.00 81.32  ? 306 G   E "O4'" 1 
ATOM   800 C "C3'" . G   E 1 6 ? -20.631 12.077  28.143  1.00 81.79  ? 306 G   E "C3'" 1 
ATOM   801 O "O3'" . G   E 1 6 ? -20.323 12.047  29.527  1.00 84.72  ? 306 G   E "O3'" 1 
ATOM   802 C "C2'" . G   E 1 6 ? -20.128 10.843  27.413  1.00 80.77  ? 306 G   E "C2'" 1 
ATOM   803 O "O2'" . G   E 1 6 ? -20.286 9.645   28.146  1.00 80.49  ? 306 G   E "O2'" 1 
ATOM   804 C "C1'" . G   E 1 6 ? -21.025 10.856  26.172  1.00 80.11  ? 306 G   E "C1'" 1 
ATOM   805 N N9    . G   E 1 6 ? -20.397 11.637  25.118  1.00 77.75  ? 306 G   E N9    1 
ATOM   806 C C8    . G   E 1 6 ? -20.598 12.963  24.826  1.00 76.72  ? 306 G   E C8    1 
ATOM   807 N N7    . G   E 1 6 ? -19.809 13.400  23.885  1.00 76.71  ? 306 G   E N7    1 
ATOM   808 C C5    . G   E 1 6 ? -19.028 12.300  23.560  1.00 76.63  ? 306 G   E C5    1 
ATOM   809 C C6    . G   E 1 6 ? -17.981 12.159  22.615  1.00 77.11  ? 306 G   E C6    1 
ATOM   810 O O6    . G   E 1 6 ? -17.543 12.993  21.822  1.00 77.15  ? 306 G   E O6    1 
ATOM   811 N N1    . G   E 1 6 ? -17.449 10.875  22.630  1.00 78.21  ? 306 G   E N1    1 
ATOM   812 C C2    . G   E 1 6 ? -17.871 9.856   23.449  1.00 78.91  ? 306 G   E C2    1 
ATOM   813 N N2    . G   E 1 6 ? -17.255 8.675   23.310  1.00 80.65  ? 306 G   E N2    1 
ATOM   814 N N3    . G   E 1 6 ? -18.836 9.981   24.340  1.00 77.67  ? 306 G   E N3    1 
ATOM   815 C C4    . G   E 1 6 ? -19.360 11.220  24.342  1.00 76.91  ? 306 G   E C4    1 
ATOM   816 P P     . C   E 1 7 ? -19.259 13.094  30.133  1.00 87.82  ? 307 C   E P     1 
ATOM   817 O OP1   . C   E 1 7 ? -19.685 13.420  31.521  1.00 88.57  ? 307 C   E OP1   1 
ATOM   818 O OP2   . C   E 1 7 ? -19.095 14.194  29.145  1.00 88.00  ? 307 C   E OP2   1 
ATOM   819 O "O5'" . C   E 1 7 ? -17.906 12.256  30.201  1.00 81.25  ? 307 C   E "O5'" 1 
ATOM   820 C "C5'" . C   E 1 7 ? -17.903 10.962  30.766  1.00 77.85  ? 307 C   E "C5'" 1 
ATOM   821 C "C4'" . C   E 1 7 ? -17.007 10.064  29.973  1.00 78.85  ? 307 C   E "C4'" 1 
ATOM   822 O "O4'" . C   E 1 7 ? -17.484 9.996   28.604  1.00 80.50  ? 307 C   E "O4'" 1 
ATOM   823 C "C3'" . C   E 1 7 ? -15.588 10.564  29.815  1.00 79.66  ? 307 C   E "C3'" 1 
ATOM   824 O "O3'" . C   E 1 7 ? -14.812 10.300  30.961  1.00 80.93  ? 307 C   E "O3'" 1 
ATOM   825 C "C2'" . C   E 1 7 ? -15.115 9.790   28.594  1.00 80.90  ? 307 C   E "C2'" 1 
ATOM   826 O "O2'" . C   E 1 7 ? -14.746 8.450   28.848  1.00 80.21  ? 307 C   E "O2'" 1 
ATOM   827 C "C1'" . C   E 1 7 ? -16.373 9.841   27.725  1.00 82.13  ? 307 C   E "C1'" 1 
ATOM   828 N N1    . C   E 1 7 ? -16.336 10.985  26.799  1.00 82.91  ? 307 C   E N1    1 
ATOM   829 C C2    . C   E 1 7 ? -15.315 11.027  25.839  1.00 82.16  ? 307 C   E C2    1 
ATOM   830 O O2    . C   E 1 7 ? -14.494 10.092  25.799  1.00 80.48  ? 307 C   E O2    1 
ATOM   831 N N3    . C   E 1 7 ? -15.244 12.080  24.995  1.00 81.96  ? 307 C   E N3    1 
ATOM   832 C C4    . C   E 1 7 ? -16.139 13.070  25.088  1.00 82.39  ? 307 C   E C4    1 
ATOM   833 N N4    . C   E 1 7 ? -16.038 14.084  24.231  1.00 83.65  ? 307 C   E N4    1 
ATOM   834 C C5    . C   E 1 7 ? -17.190 13.052  26.057  1.00 80.83  ? 307 C   E C5    1 
ATOM   835 C C6    . C   E 1 7 ? -17.241 12.009  26.893  1.00 81.67  ? 307 C   E C6    1 
ATOM   836 P P     . C   E 1 8 ? -13.902 11.472  31.569  1.00 83.77  ? 308 C   E P     1 
ATOM   837 O OP1   . C   E 1 8 ? -13.489 11.045  32.934  1.00 83.57  ? 308 C   E OP1   1 
ATOM   838 O OP2   . C   E 1 8 ? -14.654 12.747  31.382  1.00 80.99  ? 308 C   E OP2   1 
ATOM   839 O "O5'" . C   E 1 8 ? -12.604 11.459  30.646  1.00 78.03  ? 308 C   E "O5'" 1 
ATOM   840 C "C5'" . C   E 1 8 ? -11.744 10.331  30.670  1.00 74.73  ? 308 C   E "C5'" 1 
ATOM   841 C "C4'" . C   E 1 8 ? -10.937 10.248  29.405  1.00 73.80  ? 308 C   E "C4'" 1 
ATOM   842 O "O4'" . C   E 1 8 ? -11.795 10.525  28.267  1.00 71.26  ? 308 C   E "O4'" 1 
ATOM   843 C "C3'" . C   E 1 8 ? -9.820  11.266  29.245  1.00 73.96  ? 308 C   E "C3'" 1 
ATOM   844 O "O3'" . C   E 1 8 ? -8.675  11.043  30.094  1.00 76.94  ? 308 C   E "O3'" 1 
ATOM   845 C "C2'" . C   E 1 8 ? -9.580  11.206  27.743  1.00 71.59  ? 308 C   E "C2'" 1 
ATOM   846 O "O2'" . C   E 1 8 ? -8.890  10.022  27.365  1.00 70.39  ? 308 C   E "O2'" 1 
ATOM   847 C "C1'" . C   E 1 8 ? -11.018 11.108  27.230  1.00 68.86  ? 308 C   E "C1'" 1 
ATOM   848 N N1    . C   E 1 8 ? -11.638 12.385  26.840  1.00 64.20  ? 308 C   E N1    1 
ATOM   849 C C2    . C   E 1 8 ? -11.266 12.968  25.621  1.00 61.33  ? 308 C   E C2    1 
ATOM   850 O O2    . C   E 1 8 ? -10.332 12.472  24.977  1.00 60.50  ? 308 C   E O2    1 
ATOM   851 N N3    . C   E 1 8 ? -11.871 14.103  25.224  1.00 59.76  ? 308 C   E N3    1 
ATOM   852 C C4    . C   E 1 8 ? -12.849 14.627  25.962  1.00 60.09  ? 308 C   E C4    1 
ATOM   853 N N4    . C   E 1 8 ? -13.427 15.744  25.523  1.00 60.66  ? 308 C   E N4    1 
ATOM   854 C C5    . C   E 1 8 ? -13.280 14.030  27.182  1.00 61.11  ? 308 C   E C5    1 
ATOM   855 C C6    . C   E 1 8 ? -12.661 12.915  27.574  1.00 62.32  ? 308 C   E C6    1 
HETATM 856 O O     . HOH F 2 . ? 0.714   -31.771 -7.128  1.00 75.71  ? 402 HOH A O     1 
HETATM 857 O O     . HOH G 2 . ? 2.709   -12.110 -12.967 1.00 100.00 ? 401 HOH B O     1 
HETATM 858 O O     . HOH G 2 . ? -1.150  -8.061  -11.824 1.00 55.50  ? 413 HOH B O     1 
HETATM 859 O O     . HOH H 2 . ? 17.771  7.971   17.299  1.00 38.83  ? 404 HOH C O     1 
HETATM 860 O O     . HOH H 2 . ? 21.934  13.381  15.318  1.00 29.32  ? 405 HOH C O     1 
HETATM 861 O O     . HOH H 2 . ? 15.644  11.520  13.573  1.00 67.44  ? 414 HOH C O     1 
HETATM 862 O O     . HOH H 2 . ? 14.529  26.787  3.632   1.00 71.53  ? 415 HOH C O     1 
HETATM 863 O O     . HOH I 2 . ? 7.751   18.326  17.257  1.00 37.90  ? 403 HOH D O     1 
HETATM 864 O O     . HOH I 2 . ? 7.954   11.455  0.092   1.00 48.53  ? 406 HOH D O     1 
HETATM 865 O O     . HOH I 2 . ? 3.508   20.432  5.050   1.00 48.54  ? 416 HOH D O     1 
HETATM 866 O O     . HOH I 2 . ? 12.901  12.941  -5.939  1.00 68.68  ? 417 HOH D O     1 
HETATM 867 O O     . HOH I 2 . ? 25.343  5.838   1.298   1.00 51.40  ? 418 HOH D O     1 
HETATM 868 O O     . HOH J 2 . ? -11.108 12.704  32.490  1.00 42.50  ? 407 HOH E O     1 
HETATM 869 O O     . HOH J 2 . ? -12.735 8.108   30.591  1.00 60.17  ? 408 HOH E O     1 
HETATM 870 O O     . HOH J 2 . ? -27.839 11.357  23.804  1.00 30.41  ? 409 HOH E O     1 
HETATM 871 O O     . HOH J 2 . ? -24.044 18.883  26.783  1.00 27.99  ? 410 HOH E O     1 
HETATM 872 O O     . HOH J 2 . ? -24.499 19.033  20.923  1.00 39.02  ? 411 HOH E O     1 
HETATM 873 O O     . HOH J 2 . ? -20.385 16.040  12.660  1.00 60.66  ? 412 HOH E O     1 
HETATM 874 O O     . HOH J 2 . ? -21.511 15.113  29.361  1.00 46.33  ? 419 HOH E O     1 
HETATM 875 O O     . HOH J 2 . ? -25.314 16.922  16.351  1.00 49.47  ? 420 HOH E O     1 
# 
